data_5M80
#
_entry.id   5M80
#
_cell.length_a   38.237
_cell.length_b   38.271
_cell.length_c   146.818
_cell.angle_alpha   87.53
_cell.angle_beta   95.37
_cell.angle_gamma   102.94
#
_symmetry.space_group_name_H-M   'P 1'
#
loop_
_entity.id
_entity.type
_entity.pdbx_description
1 polymer 'Eukaryotic translation initiation factor 4E'
2 non-polymer '[[[(3~{a}~{R},4~{R},6~{R},6~{a}~{R})-4-(2-azanyl-7-methyl-6-oxidanylidene-1~{H}-purin-7-ium-9-yl)-2,2-dimethyl-3~{a},4,6,6~{a}-tetrahydrofuro[3,4-d][1,3]dioxol-6-yl]methoxy-oxidanyl-phosphoryl]oxy-sulfanyl-phosphoryl] [(2~{R},3~{S},4~{R},5~{R})-5-(2-azanyl-6-oxidanylidene-3~{H}-purin-9-yl)-3,4-bis(oxidanyl)oxolan-2-yl]methyl hydrogen phosphate'
3 non-polymer GLYCEROL
4 water water
#
_entity_poly.entity_id   1
_entity_poly.type   'polypeptide(L)'
_entity_poly.pdbx_seq_one_letter_code
;VANPEHYIKHPLQNRWALWFFKNDKSKTWQANLRLISKFDTVEDFWALYNHIQLSSNLMPGCDYSLFKDGIEPMWEDEKN
KRGGRWLITLNKQQRRSDLDRFWLETLLCLIGESFDDYSDDVCGAVVNVRAKGDKIAIWTTECENRDAVTHIGRVYKERL
GLPPKIVIGYQSHADTATKSGSTTKNRFVV
;
_entity_poly.pdbx_strand_id   A,C,B,D
#
loop_
_chem_comp.id
_chem_comp.type
_chem_comp.name
_chem_comp.formula
7L2 non-polymer '[[[(3~{a}~{R},4~{R},6~{R},6~{a}~{R})-4-(2-azanyl-7-methyl-6-oxidanylidene-1~{H}-purin-7-ium-9-yl)-2,2-dimethyl-3~{a},4,6,6~{a}-tetrahydrofuro[3,4-d][1,3]dioxol-6-yl]methoxy-oxidanyl-phosphoryl]oxy-sulfanyl-phosphoryl] [(2~{R},3~{S},4~{R},5~{R})-5-(2-azanyl-6-oxidanylidene-3~{H}-purin-9-yl)-3,4-bis(oxidanyl)oxolan-2-yl]methyl hydrogen phosphate' 'C24 H34 N10 O17 P3 S 1'
GOL non-polymer GLYCEROL 'C3 H8 O3'
#
# COMPACT_ATOMS: atom_id res chain seq x y z
N PRO A 4 16.47 26.85 -35.23
CA PRO A 4 16.85 25.97 -34.12
C PRO A 4 15.98 24.72 -34.14
N GLU A 5 14.69 25.00 -34.26
CA GLU A 5 13.67 23.96 -34.29
C GLU A 5 13.93 22.95 -35.41
N HIS A 6 14.43 23.40 -36.55
CA HIS A 6 14.47 22.53 -37.73
C HIS A 6 15.51 21.43 -37.62
N TYR A 7 16.61 21.65 -36.91
CA TYR A 7 17.78 20.78 -37.06
C TYR A 7 18.50 20.39 -35.78
N ILE A 8 18.13 20.89 -34.60
CA ILE A 8 18.85 20.51 -33.39
C ILE A 8 18.18 19.31 -32.72
N LYS A 9 19.01 18.43 -32.15
CA LYS A 9 18.48 17.37 -31.30
C LYS A 9 17.86 17.97 -30.04
N HIS A 10 16.94 17.23 -29.45
CA HIS A 10 16.22 17.71 -28.28
C HIS A 10 16.94 17.31 -26.99
N PRO A 11 17.52 18.26 -26.25
CA PRO A 11 18.36 17.89 -25.11
C PRO A 11 17.52 17.47 -23.91
N LEU A 12 17.98 16.40 -23.25
CA LEU A 12 17.37 15.96 -22.01
C LEU A 12 17.95 16.75 -20.86
N GLN A 13 17.15 16.84 -19.78
CA GLN A 13 17.64 17.54 -18.61
CA GLN A 13 17.62 17.51 -18.57
C GLN A 13 18.94 16.94 -18.09
N ASN A 14 19.08 15.61 -18.14
CA ASN A 14 20.29 14.92 -17.73
C ASN A 14 20.90 14.07 -18.84
N ARG A 15 22.21 13.92 -18.77
CA ARG A 15 22.91 12.84 -19.46
C ARG A 15 22.74 11.54 -18.68
N TRP A 16 22.49 10.46 -19.40
CA TRP A 16 22.20 9.15 -18.82
C TRP A 16 23.17 8.12 -19.36
N ALA A 17 23.49 7.11 -18.54
CA ALA A 17 24.34 5.99 -18.94
C ALA A 17 23.54 4.69 -18.86
N LEU A 18 23.60 3.88 -19.90
CA LEU A 18 22.97 2.56 -19.85
C LEU A 18 24.04 1.54 -19.56
N TRP A 19 23.76 0.65 -18.61
CA TRP A 19 24.67 -0.39 -18.18
C TRP A 19 24.01 -1.75 -18.43
N PHE A 20 24.87 -2.74 -18.62
CA PHE A 20 24.47 -4.13 -18.83
C PHE A 20 25.19 -5.01 -17.81
N PHE A 21 24.50 -6.05 -17.34
CA PHE A 21 25.08 -7.04 -16.44
C PHE A 21 24.82 -8.44 -16.97
N LYS A 22 25.85 -9.29 -17.02
CA LYS A 22 25.60 -10.69 -17.34
C LYS A 22 26.18 -11.56 -16.25
N ASN A 23 25.39 -12.50 -15.73
CA ASN A 23 25.84 -13.35 -14.65
C ASN A 23 26.90 -14.31 -15.18
N ASP A 24 28.11 -14.21 -14.65
CA ASP A 24 29.16 -15.15 -15.01
C ASP A 24 29.86 -15.49 -13.71
N LYS A 25 29.78 -16.76 -13.31
CA LYS A 25 30.34 -17.17 -12.02
C LYS A 25 31.86 -17.14 -11.99
N SER A 26 32.51 -16.99 -13.17
CA SER A 26 33.96 -16.82 -13.23
C SER A 26 34.41 -15.50 -12.63
N LYS A 27 33.51 -14.52 -12.49
CA LYS A 27 33.90 -13.13 -12.22
C LYS A 27 33.16 -12.63 -11.00
N THR A 28 33.75 -11.67 -10.30
CA THR A 28 33.07 -10.93 -9.26
C THR A 28 31.85 -10.22 -9.86
N TRP A 29 30.90 -9.86 -8.99
CA TRP A 29 29.72 -9.13 -9.46
C TRP A 29 30.12 -7.83 -10.16
N GLN A 30 31.08 -7.08 -9.60
CA GLN A 30 31.40 -5.80 -10.20
C GLN A 30 32.07 -5.98 -11.56
N ALA A 31 32.82 -7.06 -11.74
CA ALA A 31 33.48 -7.28 -13.02
C ALA A 31 32.47 -7.64 -14.11
N ASN A 32 31.29 -8.14 -13.74
CA ASN A 32 30.20 -8.48 -14.64
C ASN A 32 29.39 -7.25 -15.05
N LEU A 33 29.52 -6.14 -14.34
CA LEU A 33 28.81 -4.89 -14.63
C LEU A 33 29.58 -4.09 -15.67
N ARG A 34 28.95 -3.79 -16.82
CA ARG A 34 29.64 -3.07 -17.90
C ARG A 34 28.80 -1.93 -18.44
N LEU A 35 29.45 -0.80 -18.70
CA LEU A 35 28.76 0.34 -19.29
C LEU A 35 28.62 0.12 -20.80
N ILE A 36 27.45 0.47 -21.33
CA ILE A 36 27.16 0.27 -22.76
C ILE A 36 27.47 1.56 -23.50
N SER A 37 26.73 2.62 -23.20
CA SER A 37 26.93 3.93 -23.80
C SER A 37 26.13 4.97 -23.02
N LYS A 38 26.36 6.22 -23.36
CA LYS A 38 25.61 7.32 -22.79
C LYS A 38 24.91 8.15 -23.86
N PHE A 39 23.93 8.93 -23.39
CA PHE A 39 23.17 9.81 -24.27
C PHE A 39 22.64 10.97 -23.46
N ASP A 40 22.40 12.08 -24.14
CA ASP A 40 21.82 13.22 -23.45
C ASP A 40 20.76 13.93 -24.30
N THR A 41 20.19 13.23 -25.29
CA THR A 41 19.11 13.80 -26.12
C THR A 41 18.03 12.73 -26.31
N VAL A 42 16.81 13.19 -26.62
CA VAL A 42 15.73 12.29 -27.01
C VAL A 42 16.15 11.38 -28.17
N GLU A 43 16.66 11.98 -29.25
CA GLU A 43 16.99 11.17 -30.43
C GLU A 43 18.05 10.14 -30.12
N ASP A 44 19.05 10.48 -29.29
CA ASP A 44 20.07 9.48 -28.99
C ASP A 44 19.53 8.40 -28.08
N PHE A 45 18.54 8.72 -27.23
CA PHE A 45 17.90 7.68 -26.42
C PHE A 45 17.22 6.63 -27.29
N TRP A 46 16.38 7.08 -28.23
CA TRP A 46 15.65 6.14 -29.08
C TRP A 46 16.59 5.35 -30.00
N ALA A 47 17.67 5.97 -30.48
CA ALA A 47 18.65 5.19 -31.24
C ALA A 47 19.21 4.05 -30.40
N LEU A 48 19.59 4.36 -29.16
CA LEU A 48 20.08 3.33 -28.25
C LEU A 48 19.00 2.28 -28.01
N TYR A 49 17.81 2.70 -27.57
CA TYR A 49 16.77 1.75 -27.21
C TYR A 49 16.38 0.84 -28.38
N ASN A 50 16.30 1.41 -29.58
CA ASN A 50 15.86 0.69 -30.76
C ASN A 50 16.88 -0.33 -31.22
N HIS A 51 18.10 -0.23 -30.73
CA HIS A 51 19.21 -1.07 -31.16
C HIS A 51 19.43 -2.25 -30.21
N ILE A 52 18.85 -2.21 -29.01
CA ILE A 52 19.16 -3.22 -28.00
C ILE A 52 17.97 -4.13 -27.77
N GLN A 53 18.25 -5.27 -27.16
CA GLN A 53 17.23 -6.30 -26.96
C GLN A 53 16.20 -5.83 -25.95
N LEU A 54 14.95 -6.23 -26.16
CA LEU A 54 13.95 -6.08 -25.11
C LEU A 54 14.39 -6.89 -23.90
N SER A 55 14.04 -6.40 -22.72
CA SER A 55 14.40 -7.10 -21.48
C SER A 55 13.85 -8.52 -21.50
N SER A 56 12.62 -8.67 -22.01
CA SER A 56 11.99 -9.98 -22.10
C SER A 56 12.80 -10.96 -22.94
N ASN A 57 13.71 -10.47 -23.78
CA ASN A 57 14.50 -11.36 -24.63
CA ASN A 57 14.49 -11.35 -24.64
C ASN A 57 15.88 -11.65 -24.08
N LEU A 58 16.24 -11.13 -22.89
CA LEU A 58 17.55 -11.43 -22.31
C LEU A 58 17.58 -12.78 -21.62
N MET A 59 18.76 -13.38 -21.64
CA MET A 59 19.01 -14.59 -20.84
C MET A 59 18.84 -14.26 -19.36
N PRO A 60 18.31 -15.20 -18.57
CA PRO A 60 18.15 -14.96 -17.14
C PRO A 60 19.48 -14.71 -16.45
N GLY A 61 19.44 -13.90 -15.41
CA GLY A 61 20.65 -13.43 -14.77
C GLY A 61 21.22 -12.13 -15.32
N CYS A 62 20.58 -11.53 -16.32
CA CYS A 62 21.06 -10.29 -16.89
C CYS A 62 20.32 -9.11 -16.28
N ASP A 63 20.98 -7.93 -16.25
CA ASP A 63 20.33 -6.68 -15.88
C ASP A 63 20.61 -5.63 -16.93
N TYR A 64 19.65 -4.71 -17.06
CA TYR A 64 19.92 -3.40 -17.64
C TYR A 64 19.83 -2.41 -16.49
N SER A 65 20.65 -1.37 -16.51
CA SER A 65 20.51 -0.27 -15.57
C SER A 65 20.67 1.05 -16.32
N LEU A 66 19.81 2.03 -16.02
CA LEU A 66 19.94 3.37 -16.56
C LEU A 66 20.09 4.34 -15.41
N PHE A 67 21.24 5.02 -15.34
CA PHE A 67 21.59 5.89 -14.22
C PHE A 67 22.10 7.24 -14.72
N LYS A 68 21.90 8.26 -13.92
CA LYS A 68 22.46 9.57 -14.24
C LYS A 68 23.99 9.46 -14.37
N ASP A 69 24.53 10.05 -15.44
CA ASP A 69 25.97 10.09 -15.64
C ASP A 69 26.67 10.50 -14.35
N GLY A 70 27.71 9.75 -13.99
CA GLY A 70 28.41 9.96 -12.74
C GLY A 70 27.97 9.04 -11.59
N ILE A 71 26.82 8.37 -11.71
CA ILE A 71 26.33 7.45 -10.66
C ILE A 71 26.39 6.02 -11.20
N GLU A 72 27.23 5.20 -10.59
CA GLU A 72 27.33 3.79 -10.94
C GLU A 72 26.14 3.01 -10.38
N PRO A 73 25.69 1.92 -11.08
CA PRO A 73 24.48 1.20 -10.69
C PRO A 73 24.71 0.20 -9.54
N MET A 74 25.30 0.67 -8.46
CA MET A 74 25.69 -0.24 -7.39
C MET A 74 25.56 0.49 -6.06
N TRP A 75 25.27 -0.27 -4.99
CA TRP A 75 25.07 0.31 -3.66
C TRP A 75 26.25 1.14 -3.23
N GLU A 76 27.47 0.73 -3.63
CA GLU A 76 28.68 1.35 -3.11
C GLU A 76 28.79 2.81 -3.50
N ASP A 77 28.15 3.22 -4.57
CA ASP A 77 28.28 4.59 -5.03
C ASP A 77 27.81 5.55 -3.95
N GLU A 78 28.53 6.68 -3.81
CA GLU A 78 28.18 7.67 -2.79
C GLU A 78 26.73 8.14 -2.92
N LYS A 79 26.20 8.19 -4.13
CA LYS A 79 24.82 8.65 -4.28
C LYS A 79 23.79 7.53 -4.07
N ASN A 80 24.22 6.28 -3.84
CA ASN A 80 23.31 5.18 -3.54
C ASN A 80 23.44 4.62 -2.12
N LYS A 81 24.56 4.87 -1.42
CA LYS A 81 24.86 4.18 -0.16
C LYS A 81 23.79 4.47 0.89
N ARG A 82 23.28 5.69 0.95
CA ARG A 82 22.28 6.10 1.92
C ARG A 82 20.88 6.01 1.33
N GLY A 83 20.74 5.35 0.18
CA GLY A 83 19.47 5.36 -0.50
C GLY A 83 18.74 4.03 -0.49
N GLY A 84 17.90 3.84 -1.49
CA GLY A 84 17.07 2.66 -1.55
C GLY A 84 16.35 2.66 -2.86
N ARG A 85 15.36 1.77 -2.97
CA ARG A 85 14.72 1.53 -4.24
C ARG A 85 13.24 1.27 -4.05
N TRP A 86 12.45 1.81 -4.97
CA TRP A 86 11.06 1.39 -5.15
C TRP A 86 11.05 0.12 -5.99
N LEU A 87 10.48 -0.98 -5.47
CA LEU A 87 10.61 -2.30 -6.07
C LEU A 87 9.30 -2.78 -6.68
N ILE A 88 9.34 -3.16 -7.95
CA ILE A 88 8.22 -3.81 -8.62
C ILE A 88 8.63 -5.26 -8.84
N THR A 89 7.97 -6.20 -8.18
CA THR A 89 8.24 -7.62 -8.35
C THR A 89 7.22 -8.18 -9.34
N LEU A 90 7.68 -8.89 -10.36
CA LEU A 90 6.76 -9.48 -11.30
C LEU A 90 6.79 -11.00 -11.20
N ASN A 91 5.63 -11.61 -11.46
CA ASN A 91 5.59 -13.06 -11.54
C ASN A 91 6.05 -13.49 -12.93
N LYS A 92 6.20 -14.80 -13.11
CA LYS A 92 6.72 -15.32 -14.36
C LYS A 92 5.80 -15.00 -15.53
N GLN A 93 4.49 -14.92 -15.30
CA GLN A 93 3.56 -14.59 -16.37
C GLN A 93 3.73 -13.14 -16.84
N GLN A 94 4.15 -12.26 -15.94
CA GLN A 94 4.31 -10.85 -16.31
C GLN A 94 5.52 -10.59 -17.20
N ARG A 95 6.47 -11.54 -17.28
CA ARG A 95 7.51 -11.45 -18.30
C ARG A 95 6.92 -11.21 -19.69
N ARG A 96 5.90 -11.97 -20.03
CA ARG A 96 5.21 -11.80 -21.30
C ARG A 96 4.47 -10.46 -21.35
N SER A 97 3.68 -10.16 -20.32
CA SER A 97 2.65 -9.14 -20.42
C SER A 97 3.07 -7.74 -19.94
N ASP A 98 4.02 -7.64 -19.00
CA ASP A 98 4.25 -6.36 -18.35
C ASP A 98 5.70 -5.91 -18.38
N LEU A 99 6.66 -6.85 -18.42
CA LEU A 99 8.07 -6.52 -18.23
C LEU A 99 8.51 -5.39 -19.17
N ASP A 100 8.34 -5.61 -20.49
CA ASP A 100 8.86 -4.66 -21.48
C ASP A 100 8.16 -3.32 -21.40
N ARG A 101 6.82 -3.31 -21.29
CA ARG A 101 6.12 -2.03 -21.20
C ARG A 101 6.44 -1.32 -19.89
N PHE A 102 6.51 -2.05 -18.77
CA PHE A 102 6.87 -1.40 -17.49
C PHE A 102 8.27 -0.82 -17.55
N TRP A 103 9.23 -1.56 -18.13
CA TRP A 103 10.60 -1.05 -18.18
C TRP A 103 10.68 0.22 -19.02
N LEU A 104 9.96 0.28 -20.14
CA LEU A 104 10.10 1.46 -20.99
C LEU A 104 9.44 2.66 -20.35
N GLU A 105 8.34 2.45 -19.64
CA GLU A 105 7.74 3.50 -18.83
C GLU A 105 8.69 3.97 -17.73
N THR A 106 9.45 3.06 -17.11
CA THR A 106 10.45 3.44 -16.11
C THR A 106 11.52 4.34 -16.73
N LEU A 107 12.04 3.94 -17.91
CA LEU A 107 13.00 4.74 -18.68
C LEU A 107 12.48 6.16 -18.95
N LEU A 108 11.21 6.27 -19.32
CA LEU A 108 10.68 7.59 -19.65
C LEU A 108 10.40 8.43 -18.42
N CYS A 109 10.01 7.81 -17.29
CA CYS A 109 9.92 8.56 -16.03
C CYS A 109 11.27 9.18 -15.64
N LEU A 110 12.38 8.48 -15.88
CA LEU A 110 13.69 9.07 -15.58
C LEU A 110 14.06 10.19 -16.55
N ILE A 111 14.13 9.89 -17.86
CA ILE A 111 14.68 10.89 -18.78
C ILE A 111 13.74 12.07 -18.98
N GLY A 112 12.43 11.86 -18.88
CA GLY A 112 11.43 12.91 -18.87
C GLY A 112 11.26 13.61 -17.53
N GLU A 113 12.08 13.25 -16.54
CA GLU A 113 12.05 13.89 -15.21
C GLU A 113 10.61 13.95 -14.67
N SER A 114 10.01 12.76 -14.50
CA SER A 114 8.57 12.67 -14.27
C SER A 114 8.17 12.97 -12.82
N PHE A 115 9.10 13.17 -11.89
CA PHE A 115 8.74 13.37 -10.49
C PHE A 115 9.02 14.78 -9.98
N ASP A 116 8.78 15.79 -10.83
CA ASP A 116 8.64 17.18 -10.40
C ASP A 116 9.90 17.58 -9.60
N ASP A 117 9.75 18.29 -8.49
CA ASP A 117 10.90 18.77 -7.70
C ASP A 117 11.77 17.64 -7.19
N TYR A 118 11.23 16.43 -7.11
CA TYR A 118 11.97 15.32 -6.55
C TYR A 118 12.71 14.51 -7.60
N SER A 119 12.68 14.90 -8.87
CA SER A 119 13.50 14.14 -9.82
C SER A 119 14.99 14.28 -9.56
N ASP A 120 15.41 15.25 -8.73
CA ASP A 120 16.80 15.32 -8.30
C ASP A 120 17.17 14.16 -7.37
N ASP A 121 16.22 13.68 -6.56
CA ASP A 121 16.51 12.51 -5.74
C ASP A 121 16.69 11.23 -6.55
N VAL A 122 16.24 11.20 -7.80
CA VAL A 122 16.34 9.97 -8.58
C VAL A 122 17.80 9.72 -8.97
N CYS A 123 18.25 8.48 -8.77
CA CYS A 123 19.58 8.04 -9.21
C CYS A 123 19.55 7.25 -10.51
N GLY A 124 18.58 6.35 -10.66
CA GLY A 124 18.49 5.49 -11.82
C GLY A 124 17.51 4.36 -11.59
N ALA A 125 17.50 3.44 -12.54
CA ALA A 125 16.58 2.32 -12.49
C ALA A 125 17.26 1.05 -12.99
N VAL A 126 16.78 -0.09 -12.51
CA VAL A 126 17.34 -1.40 -12.85
C VAL A 126 16.21 -2.36 -13.18
N VAL A 127 16.38 -3.13 -14.26
CA VAL A 127 15.58 -4.33 -14.47
C VAL A 127 16.48 -5.57 -14.33
N ASN A 128 16.06 -6.50 -13.48
CA ASN A 128 16.68 -7.81 -13.31
C ASN A 128 15.82 -8.84 -14.04
N VAL A 129 16.36 -9.51 -15.05
CA VAL A 129 15.70 -10.65 -15.67
C VAL A 129 16.11 -11.94 -14.94
N ARG A 130 15.13 -12.68 -14.38
CA ARG A 130 15.39 -13.88 -13.59
C ARG A 130 14.32 -14.95 -13.80
N ALA A 131 14.76 -16.22 -13.85
CA ALA A 131 13.85 -17.35 -13.98
C ALA A 131 12.82 -17.36 -12.88
N LYS A 132 13.21 -16.98 -11.66
CA LYS A 132 12.30 -17.00 -10.51
C LYS A 132 11.28 -15.87 -10.54
N GLY A 133 11.48 -14.85 -11.37
CA GLY A 133 10.61 -13.69 -11.33
C GLY A 133 11.40 -12.40 -11.51
N ASP A 134 11.06 -11.65 -12.55
CA ASP A 134 11.75 -10.42 -12.91
C ASP A 134 11.44 -9.31 -11.92
N LYS A 135 12.33 -8.31 -11.85
CA LYS A 135 12.13 -7.15 -10.99
C LYS A 135 12.51 -5.87 -11.74
N ILE A 136 11.84 -4.77 -11.41
CA ILE A 136 12.18 -3.44 -11.87
C ILE A 136 12.18 -2.54 -10.64
N ALA A 137 13.11 -1.59 -10.60
CA ALA A 137 13.21 -0.71 -9.44
C ALA A 137 13.72 0.66 -9.87
N ILE A 138 13.23 1.70 -9.18
CA ILE A 138 13.81 3.05 -9.23
C ILE A 138 14.57 3.28 -7.94
N TRP A 139 15.82 3.67 -8.08
CA TRP A 139 16.73 3.91 -6.98
C TRP A 139 16.76 5.39 -6.69
N THR A 140 16.55 5.77 -5.42
CA THR A 140 16.63 7.14 -4.97
C THR A 140 17.83 7.29 -4.02
N THR A 141 18.22 8.53 -3.77
CA THR A 141 19.54 8.80 -3.22
C THR A 141 19.58 8.86 -1.68
N GLU A 142 18.45 9.05 -1.01
CA GLU A 142 18.43 9.23 0.45
C GLU A 142 17.17 8.57 0.99
N CYS A 143 17.32 7.48 1.74
CA CYS A 143 16.15 6.73 2.20
C CYS A 143 15.40 7.46 3.30
N GLU A 144 16.02 8.44 3.95
CA GLU A 144 15.36 9.24 4.97
C GLU A 144 14.51 10.38 4.41
N ASN A 145 14.60 10.71 3.12
CA ASN A 145 13.81 11.80 2.53
C ASN A 145 12.37 11.32 2.30
N ARG A 146 11.58 11.33 3.38
CA ARG A 146 10.23 10.74 3.35
C ARG A 146 9.36 11.36 2.25
N ASP A 147 9.35 12.68 2.13
CA ASP A 147 8.47 13.31 1.15
C ASP A 147 8.92 12.98 -0.27
N ALA A 148 10.23 13.00 -0.52
CA ALA A 148 10.75 12.66 -1.83
C ALA A 148 10.46 11.22 -2.20
N VAL A 149 10.76 10.30 -1.27
CA VAL A 149 10.59 8.88 -1.55
C VAL A 149 9.12 8.57 -1.79
N THR A 150 8.25 8.98 -0.86
CA THR A 150 6.84 8.70 -1.00
C THR A 150 6.27 9.32 -2.27
N HIS A 151 6.71 10.53 -2.61
CA HIS A 151 6.14 11.16 -3.80
C HIS A 151 6.57 10.43 -5.07
N ILE A 152 7.82 9.99 -5.13
CA ILE A 152 8.25 9.22 -6.29
C ILE A 152 7.49 7.90 -6.35
N GLY A 153 7.18 7.31 -5.20
CA GLY A 153 6.43 6.06 -5.19
C GLY A 153 5.02 6.20 -5.72
N ARG A 154 4.31 7.27 -5.32
CA ARG A 154 2.94 7.46 -5.77
C ARG A 154 2.88 7.70 -7.27
N VAL A 155 3.76 8.56 -7.78
CA VAL A 155 3.76 8.88 -9.20
C VAL A 155 4.12 7.66 -10.02
N TYR A 156 5.13 6.92 -9.56
CA TYR A 156 5.57 5.71 -10.25
C TYR A 156 4.44 4.70 -10.36
N LYS A 157 3.76 4.43 -9.24
CA LYS A 157 2.73 3.40 -9.24
C LYS A 157 1.63 3.74 -10.23
N GLU A 158 1.27 5.02 -10.31
CA GLU A 158 0.16 5.39 -11.18
C GLU A 158 0.61 5.46 -12.63
N ARG A 159 1.88 5.77 -12.88
CA ARG A 159 2.36 5.83 -14.26
C ARG A 159 2.49 4.44 -14.86
N LEU A 160 2.77 3.44 -14.03
CA LEU A 160 2.70 2.05 -14.48
C LEU A 160 1.28 1.53 -14.53
N GLY A 161 0.32 2.29 -14.00
CA GLY A 161 -1.07 1.88 -14.04
C GLY A 161 -1.42 0.75 -13.09
N LEU A 162 -0.68 0.60 -12.01
CA LEU A 162 -1.01 -0.46 -11.07
C LEU A 162 -2.30 -0.13 -10.31
N PRO A 163 -3.13 -1.13 -10.06
CA PRO A 163 -4.37 -0.92 -9.33
C PRO A 163 -4.09 -0.72 -7.85
N PRO A 164 -5.02 -0.11 -7.12
CA PRO A 164 -4.87 0.00 -5.66
C PRO A 164 -4.91 -1.34 -4.94
N LYS A 165 -5.21 -2.43 -5.64
CA LYS A 165 -5.08 -3.77 -5.06
C LYS A 165 -3.62 -4.17 -4.88
N ILE A 166 -2.70 -3.54 -5.60
CA ILE A 166 -1.28 -3.84 -5.48
C ILE A 166 -0.66 -2.82 -4.51
N VAL A 167 0.30 -3.29 -3.74
CA VAL A 167 1.10 -2.43 -2.89
C VAL A 167 2.55 -2.61 -3.35
N ILE A 168 3.31 -1.53 -3.40
CA ILE A 168 4.74 -1.65 -3.67
C ILE A 168 5.52 -1.13 -2.47
N GLY A 169 6.76 -1.61 -2.35
CA GLY A 169 7.58 -1.32 -1.20
C GLY A 169 8.87 -0.61 -1.58
N TYR A 170 9.37 0.17 -0.63
CA TYR A 170 10.63 0.88 -0.75
C TYR A 170 11.59 0.32 0.29
N GLN A 171 12.73 -0.17 -0.17
CA GLN A 171 13.72 -0.76 0.70
C GLN A 171 15.03 0.00 0.61
N SER A 172 15.64 0.21 1.76
CA SER A 172 16.97 0.82 1.81
C SER A 172 18.02 -0.19 1.41
N HIS A 173 19.02 0.28 0.65
CA HIS A 173 20.12 -0.60 0.27
C HIS A 173 20.89 -1.10 1.49
N ALA A 174 20.93 -0.30 2.55
CA ALA A 174 21.62 -0.73 3.76
C ALA A 174 21.07 -2.06 4.28
N ASP A 175 19.74 -2.19 4.33
CA ASP A 175 19.15 -3.46 4.73
C ASP A 175 19.29 -4.49 3.61
N THR A 176 19.16 -4.06 2.36
CA THR A 176 19.32 -4.98 1.23
C THR A 176 20.72 -5.58 1.25
N ALA A 177 21.74 -4.74 1.40
CA ALA A 177 23.10 -5.22 1.52
C ALA A 177 23.27 -5.99 2.84
N LYS A 185 12.83 -5.93 4.40
CA LYS A 185 11.87 -5.06 5.06
C LYS A 185 11.58 -3.80 4.24
N ASN A 186 10.33 -3.33 4.27
CA ASN A 186 9.95 -2.11 3.57
C ASN A 186 10.00 -0.94 4.54
N ARG A 187 10.56 0.18 4.08
CA ARG A 187 10.51 1.43 4.83
C ARG A 187 9.23 2.19 4.53
N PHE A 188 8.81 2.20 3.26
CA PHE A 188 7.58 2.86 2.84
C PHE A 188 6.79 1.95 1.90
N VAL A 189 5.48 2.16 1.87
CA VAL A 189 4.60 1.46 0.94
C VAL A 189 3.63 2.46 0.34
N VAL A 190 3.31 2.27 -0.95
CA VAL A 190 2.24 3.04 -1.59
C VAL A 190 1.35 2.13 -2.45
N PRO B 4 28.56 -7.12 -26.00
CA PRO B 4 27.84 -6.69 -27.19
C PRO B 4 26.87 -7.76 -27.68
N GLU B 5 27.37 -8.97 -27.90
CA GLU B 5 26.49 -10.04 -28.36
C GLU B 5 25.36 -10.30 -27.36
N HIS B 6 25.58 -9.96 -26.09
CA HIS B 6 24.62 -10.29 -25.04
C HIS B 6 23.37 -9.41 -25.05
N TYR B 7 23.41 -8.24 -25.69
CA TYR B 7 22.26 -7.33 -25.55
C TYR B 7 21.85 -6.65 -26.85
N ILE B 8 22.58 -6.79 -27.93
CA ILE B 8 22.25 -6.10 -29.16
C ILE B 8 21.39 -7.01 -30.03
N LYS B 9 20.33 -6.44 -30.61
CA LYS B 9 19.57 -7.16 -31.62
C LYS B 9 20.49 -7.50 -32.78
N HIS B 10 20.10 -8.51 -33.55
CA HIS B 10 20.94 -8.95 -34.65
C HIS B 10 20.49 -8.22 -35.91
N PRO B 11 21.27 -7.28 -36.44
CA PRO B 11 20.76 -6.46 -37.55
C PRO B 11 20.59 -7.29 -38.81
N LEU B 12 19.60 -6.90 -39.60
CA LEU B 12 19.44 -7.40 -40.95
C LEU B 12 20.14 -6.47 -41.92
N GLN B 13 20.51 -7.04 -43.08
CA GLN B 13 21.12 -6.24 -44.14
C GLN B 13 20.21 -5.10 -44.56
N ASN B 14 18.92 -5.37 -44.70
CA ASN B 14 17.94 -4.40 -45.17
C ASN B 14 16.87 -4.20 -44.12
N ARG B 15 16.26 -3.01 -44.15
CA ARG B 15 14.97 -2.82 -43.51
C ARG B 15 13.86 -3.31 -44.44
N TRP B 16 12.89 -4.02 -43.86
CA TRP B 16 11.80 -4.65 -44.60
C TRP B 16 10.45 -4.13 -44.13
N ALA B 17 9.50 -4.12 -45.06
CA ALA B 17 8.14 -3.70 -44.80
C ALA B 17 7.21 -4.85 -45.17
N LEU B 18 6.28 -5.17 -44.28
CA LEU B 18 5.25 -6.15 -44.59
C LEU B 18 3.94 -5.40 -44.81
N TRP B 19 3.23 -5.77 -45.87
CA TRP B 19 1.98 -5.14 -46.26
C TRP B 19 0.88 -6.18 -46.29
N PHE B 20 -0.35 -5.71 -46.14
CA PHE B 20 -1.53 -6.55 -46.17
C PHE B 20 -2.51 -5.96 -47.15
N PHE B 21 -3.24 -6.84 -47.83
CA PHE B 21 -4.26 -6.45 -48.79
C PHE B 21 -5.57 -7.08 -48.34
N LYS B 22 -6.53 -6.25 -47.96
CA LYS B 22 -7.84 -6.74 -47.57
C LYS B 22 -8.74 -6.74 -48.79
N ASN B 23 -9.15 -7.93 -49.22
CA ASN B 23 -10.04 -8.06 -50.35
C ASN B 23 -11.36 -7.37 -50.04
N ASP B 24 -11.68 -6.34 -50.79
CA ASP B 24 -12.94 -5.63 -50.60
C ASP B 24 -13.32 -5.02 -51.94
N LYS B 25 -14.53 -5.31 -52.39
CA LYS B 25 -14.99 -4.80 -53.68
C LYS B 25 -15.50 -3.36 -53.58
N SER B 26 -15.87 -2.90 -52.39
CA SER B 26 -16.29 -1.52 -52.18
C SER B 26 -15.14 -0.53 -52.24
N LYS B 27 -13.91 -1.00 -52.44
CA LYS B 27 -12.74 -0.15 -52.58
C LYS B 27 -11.93 -0.57 -53.80
N THR B 28 -11.09 0.34 -54.28
CA THR B 28 -10.19 0.03 -55.39
C THR B 28 -8.96 -0.73 -54.87
N TRP B 29 -8.17 -1.25 -55.82
CA TRP B 29 -7.02 -2.10 -55.48
C TRP B 29 -5.99 -1.35 -54.64
N GLN B 30 -5.67 -0.10 -55.00
CA GLN B 30 -4.64 0.63 -54.26
C GLN B 30 -5.15 1.01 -52.88
N ALA B 31 -6.45 1.25 -52.74
CA ALA B 31 -6.98 1.52 -51.41
C ALA B 31 -6.98 0.29 -50.52
N ASN B 32 -6.77 -0.91 -51.09
CA ASN B 32 -6.76 -2.14 -50.31
C ASN B 32 -5.37 -2.56 -49.85
N LEU B 33 -4.30 -2.07 -50.50
CA LEU B 33 -2.94 -2.34 -50.05
C LEU B 33 -2.59 -1.39 -48.91
N ARG B 34 -2.11 -1.94 -47.80
CA ARG B 34 -1.86 -1.11 -46.62
C ARG B 34 -0.69 -1.64 -45.79
N LEU B 35 0.19 -0.72 -45.42
CA LEU B 35 1.35 -1.06 -44.61
C LEU B 35 0.91 -1.59 -43.25
N ILE B 36 1.64 -2.58 -42.76
CA ILE B 36 1.43 -3.06 -41.40
C ILE B 36 2.48 -2.42 -40.50
N SER B 37 3.75 -2.74 -40.74
CA SER B 37 4.88 -2.25 -39.94
C SER B 37 6.17 -2.66 -40.63
N LYS B 38 7.29 -2.14 -40.12
CA LYS B 38 8.61 -2.46 -40.65
C LYS B 38 9.53 -2.99 -39.56
N PHE B 39 10.64 -3.56 -39.99
CA PHE B 39 11.60 -4.15 -39.07
C PHE B 39 12.94 -4.23 -39.77
N ASP B 40 14.01 -4.27 -38.98
CA ASP B 40 15.33 -4.44 -39.59
C ASP B 40 16.26 -5.27 -38.73
N THR B 41 15.74 -6.03 -37.77
CA THR B 41 16.52 -6.95 -36.97
C THR B 41 15.83 -8.31 -36.97
N VAL B 42 16.58 -9.32 -36.53
CA VAL B 42 16.01 -10.66 -36.48
C VAL B 42 14.91 -10.74 -35.43
N GLU B 43 15.12 -10.08 -34.29
CA GLU B 43 14.14 -10.19 -33.22
C GLU B 43 12.86 -9.45 -33.56
N ASP B 44 12.98 -8.29 -34.20
CA ASP B 44 11.77 -7.60 -34.64
C ASP B 44 11.07 -8.37 -35.74
N PHE B 45 11.81 -9.14 -36.54
CA PHE B 45 11.14 -9.95 -37.54
C PHE B 45 10.24 -10.98 -36.88
N TRP B 46 10.76 -11.73 -35.89
CA TRP B 46 9.94 -12.77 -35.26
C TRP B 46 8.83 -12.18 -34.41
N ALA B 47 9.08 -11.02 -33.79
CA ALA B 47 8.03 -10.33 -33.06
C ALA B 47 6.82 -10.07 -33.95
N LEU B 48 7.06 -9.66 -35.20
CA LEU B 48 5.95 -9.40 -36.09
C LEU B 48 5.32 -10.69 -36.60
N TYR B 49 6.15 -11.65 -37.01
CA TYR B 49 5.66 -12.89 -37.58
C TYR B 49 4.84 -13.70 -36.57
N ASN B 50 5.30 -13.77 -35.31
CA ASN B 50 4.63 -14.62 -34.33
C ASN B 50 3.24 -14.12 -33.95
N HIS B 51 2.93 -12.85 -34.20
CA HIS B 51 1.64 -12.34 -33.75
C HIS B 51 0.63 -12.13 -34.87
N ILE B 52 0.97 -12.45 -36.11
CA ILE B 52 0.03 -12.32 -37.22
C ILE B 52 -0.44 -13.70 -37.69
N GLN B 53 -1.59 -13.71 -38.36
CA GLN B 53 -2.16 -14.95 -38.85
C GLN B 53 -1.24 -15.59 -39.88
N LEU B 54 -1.20 -16.93 -39.88
CA LEU B 54 -0.60 -17.68 -40.97
C LEU B 54 -1.39 -17.47 -42.25
N SER B 55 -0.67 -17.54 -43.37
CA SER B 55 -1.29 -17.32 -44.68
C SER B 55 -2.47 -18.25 -44.92
N SER B 56 -2.34 -19.52 -44.50
CA SER B 56 -3.40 -20.49 -44.74
C SER B 56 -4.69 -20.15 -43.99
N ASN B 57 -4.63 -19.26 -43.00
CA ASN B 57 -5.80 -18.82 -42.25
C ASN B 57 -6.36 -17.47 -42.72
N LEU B 58 -5.81 -16.90 -43.79
CA LEU B 58 -6.33 -15.64 -44.32
C LEU B 58 -7.57 -15.87 -45.18
N MET B 59 -8.54 -14.99 -45.05
CA MET B 59 -9.70 -15.02 -45.94
C MET B 59 -9.21 -15.00 -47.39
N PRO B 60 -9.70 -15.89 -48.25
CA PRO B 60 -9.34 -15.83 -49.68
C PRO B 60 -9.60 -14.45 -50.26
N GLY B 61 -8.71 -14.03 -51.16
CA GLY B 61 -8.70 -12.67 -51.67
C GLY B 61 -7.66 -11.75 -51.03
N CYS B 62 -7.01 -12.18 -49.96
CA CYS B 62 -6.08 -11.34 -49.22
C CYS B 62 -4.63 -11.69 -49.54
N ASP B 63 -3.75 -10.73 -49.20
CA ASP B 63 -2.31 -10.83 -49.47
C ASP B 63 -1.52 -10.35 -48.28
N TYR B 64 -0.33 -10.93 -48.13
CA TYR B 64 0.80 -10.39 -47.39
C TYR B 64 1.87 -10.12 -48.44
N SER B 65 2.63 -9.05 -48.26
CA SER B 65 3.77 -8.79 -49.13
C SER B 65 4.90 -8.25 -48.26
N LEU B 66 6.07 -8.84 -48.37
CA LEU B 66 7.25 -8.34 -47.66
C LEU B 66 8.18 -7.70 -48.67
N PHE B 67 8.35 -6.38 -48.56
CA PHE B 67 9.16 -5.64 -49.51
C PHE B 67 10.20 -4.80 -48.79
N LYS B 68 11.34 -4.63 -49.46
CA LYS B 68 12.36 -3.71 -48.98
C LYS B 68 11.76 -2.33 -48.74
N ASP B 69 12.24 -1.69 -47.69
CA ASP B 69 11.75 -0.36 -47.34
C ASP B 69 11.98 0.59 -48.52
N GLY B 70 10.94 1.34 -48.89
CA GLY B 70 10.98 2.22 -50.04
C GLY B 70 10.30 1.72 -51.29
N ILE B 71 10.16 0.40 -51.45
CA ILE B 71 9.52 -0.20 -52.62
C ILE B 71 8.10 -0.56 -52.23
N GLU B 72 7.12 0.08 -52.87
CA GLU B 72 5.74 -0.34 -52.67
C GLU B 72 5.50 -1.67 -53.39
N PRO B 73 4.55 -2.53 -52.85
CA PRO B 73 4.28 -3.84 -53.46
C PRO B 73 3.40 -3.80 -54.71
N MET B 74 3.76 -2.95 -55.67
CA MET B 74 2.94 -2.81 -56.86
C MET B 74 3.82 -2.66 -58.10
N TRP B 75 3.29 -3.15 -59.23
CA TRP B 75 4.00 -3.07 -60.50
C TRP B 75 4.39 -1.64 -60.85
N GLU B 76 3.63 -0.65 -60.37
CA GLU B 76 3.88 0.73 -60.72
C GLU B 76 5.08 1.34 -59.99
N ASP B 77 5.64 0.67 -58.98
CA ASP B 77 6.83 1.18 -58.32
C ASP B 77 8.01 1.19 -59.30
N GLU B 78 8.93 2.13 -59.10
CA GLU B 78 10.06 2.28 -60.01
C GLU B 78 10.96 1.05 -60.01
N LYS B 79 11.02 0.33 -58.88
CA LYS B 79 11.86 -0.85 -58.77
C LYS B 79 11.20 -2.10 -59.31
N ASN B 80 9.88 -2.08 -59.51
CA ASN B 80 9.13 -3.18 -60.12
C ASN B 80 8.61 -2.87 -61.51
N LYS B 81 8.75 -1.61 -61.97
CA LYS B 81 8.30 -1.28 -63.32
C LYS B 81 8.97 -2.17 -64.36
N ARG B 82 10.29 -2.28 -64.29
CA ARG B 82 11.06 -3.03 -65.27
C ARG B 82 11.36 -4.45 -64.81
N GLY B 83 10.79 -4.88 -63.68
CA GLY B 83 11.00 -6.20 -63.15
C GLY B 83 9.88 -7.15 -63.48
N GLY B 84 9.83 -8.25 -62.72
CA GLY B 84 8.79 -9.24 -62.90
C GLY B 84 8.46 -9.95 -61.62
N ARG B 85 8.42 -11.29 -61.66
CA ARG B 85 8.10 -12.13 -60.52
C ARG B 85 8.18 -13.60 -60.88
N TRP B 86 9.02 -14.35 -60.16
CA TRP B 86 9.06 -15.82 -60.29
C TRP B 86 7.94 -16.40 -59.42
N LEU B 87 6.91 -16.97 -60.05
CA LEU B 87 5.66 -17.34 -59.38
C LEU B 87 5.60 -18.82 -59.07
N ILE B 88 5.27 -19.14 -57.81
CA ILE B 88 4.98 -20.50 -57.39
C ILE B 88 3.47 -20.65 -57.39
N THR B 89 2.98 -21.74 -57.95
CA THR B 89 1.55 -21.98 -57.98
C THR B 89 1.26 -23.29 -57.27
N LEU B 90 0.40 -23.22 -56.26
CA LEU B 90 0.07 -24.37 -55.42
C LEU B 90 -1.38 -24.77 -55.65
N ASN B 91 -1.65 -26.07 -55.49
CA ASN B 91 -3.01 -26.55 -55.70
C ASN B 91 -3.80 -26.47 -54.40
N LYS B 92 -5.06 -26.94 -54.46
CA LYS B 92 -5.95 -26.82 -53.31
C LYS B 92 -5.45 -27.66 -52.14
N GLN B 93 -4.70 -28.72 -52.41
CA GLN B 93 -4.17 -29.54 -51.32
C GLN B 93 -2.93 -28.90 -50.71
N GLN B 94 -2.14 -28.21 -51.54
CA GLN B 94 -0.88 -27.61 -51.12
C GLN B 94 -1.08 -26.49 -50.10
N ARG B 95 -2.28 -25.91 -50.03
CA ARG B 95 -2.59 -24.96 -48.97
C ARG B 95 -2.29 -25.52 -47.59
N ARG B 96 -2.84 -26.68 -47.29
CA ARG B 96 -2.63 -27.31 -45.99
C ARG B 96 -1.19 -27.78 -45.83
N SER B 97 -0.66 -28.48 -46.84
CA SER B 97 0.65 -29.11 -46.70
C SER B 97 1.83 -28.17 -47.01
N ASP B 98 1.62 -27.06 -47.73
CA ASP B 98 2.78 -26.33 -48.23
C ASP B 98 2.77 -24.82 -48.00
N LEU B 99 1.59 -24.20 -47.95
CA LEU B 99 1.51 -22.75 -48.11
C LEU B 99 2.31 -22.01 -47.06
N ASP B 100 2.11 -22.35 -45.78
CA ASP B 100 2.79 -21.62 -44.72
C ASP B 100 4.27 -21.97 -44.63
N ARG B 101 4.65 -23.21 -44.94
CA ARG B 101 6.05 -23.56 -44.83
C ARG B 101 6.88 -22.96 -45.96
N PHE B 102 6.33 -22.93 -47.17
CA PHE B 102 7.04 -22.28 -48.25
C PHE B 102 7.17 -20.79 -47.98
N TRP B 103 6.14 -20.19 -47.37
CA TRP B 103 6.13 -18.76 -47.17
C TRP B 103 7.17 -18.33 -46.14
N LEU B 104 7.38 -19.15 -45.11
CA LEU B 104 8.35 -18.77 -44.08
C LEU B 104 9.78 -18.91 -44.60
N GLU B 105 10.04 -19.96 -45.36
CA GLU B 105 11.36 -20.06 -45.99
C GLU B 105 11.56 -18.97 -47.03
N THR B 106 10.47 -18.44 -47.57
CA THR B 106 10.55 -17.32 -48.50
C THR B 106 11.02 -16.06 -47.80
N LEU B 107 10.37 -15.73 -46.67
CA LEU B 107 10.78 -14.59 -45.87
C LEU B 107 12.20 -14.77 -45.33
N LEU B 108 12.54 -16.00 -44.92
CA LEU B 108 13.87 -16.27 -44.39
C LEU B 108 14.97 -16.10 -45.43
N CYS B 109 14.69 -16.45 -46.69
CA CYS B 109 15.68 -16.23 -47.74
C CYS B 109 15.84 -14.76 -48.05
N LEU B 110 14.74 -14.00 -48.00
CA LEU B 110 14.75 -12.57 -48.24
C LEU B 110 15.59 -11.85 -47.19
N ILE B 111 15.12 -11.86 -45.93
CA ILE B 111 15.81 -11.09 -44.90
C ILE B 111 17.18 -11.68 -44.60
N GLY B 112 17.40 -12.95 -44.92
CA GLY B 112 18.71 -13.53 -44.81
C GLY B 112 19.61 -13.27 -46.00
N GLU B 113 19.13 -12.52 -46.98
CA GLU B 113 19.85 -12.27 -48.23
C GLU B 113 20.49 -13.57 -48.73
N SER B 114 19.64 -14.58 -48.91
CA SER B 114 20.18 -15.88 -49.32
C SER B 114 20.65 -15.89 -50.77
N PHE B 115 20.49 -14.80 -51.51
CA PHE B 115 20.77 -14.79 -52.94
C PHE B 115 22.20 -14.34 -53.26
N ASP B 116 23.07 -14.28 -52.25
CA ASP B 116 24.52 -14.07 -52.47
C ASP B 116 24.70 -12.72 -53.17
N ASP B 117 25.57 -12.64 -54.19
CA ASP B 117 25.88 -11.37 -54.83
C ASP B 117 24.71 -10.80 -55.63
N TYR B 118 23.65 -11.57 -55.85
CA TYR B 118 22.52 -11.09 -56.63
C TYR B 118 21.34 -10.69 -55.77
N SER B 119 21.50 -10.71 -54.44
CA SER B 119 20.41 -10.36 -53.53
C SER B 119 20.04 -8.88 -53.64
N ASP B 120 20.89 -8.06 -54.24
CA ASP B 120 20.59 -6.64 -54.38
C ASP B 120 19.50 -6.36 -55.40
N ASP B 121 19.18 -7.32 -56.27
CA ASP B 121 18.10 -7.14 -57.24
C ASP B 121 16.79 -7.81 -56.82
N VAL B 122 16.74 -8.42 -55.64
CA VAL B 122 15.47 -8.86 -55.08
C VAL B 122 14.72 -7.64 -54.55
N CYS B 123 13.45 -7.52 -54.91
CA CYS B 123 12.64 -6.46 -54.31
C CYS B 123 11.74 -6.94 -53.18
N GLY B 124 11.19 -8.14 -53.28
CA GLY B 124 10.31 -8.63 -52.23
C GLY B 124 9.55 -9.85 -52.70
N ALA B 125 8.55 -10.24 -51.88
CA ALA B 125 7.75 -11.43 -52.10
C ALA B 125 6.30 -11.16 -51.69
N VAL B 126 5.37 -11.95 -52.25
CA VAL B 126 3.93 -11.76 -52.04
C VAL B 126 3.24 -13.11 -51.86
N VAL B 127 2.28 -13.18 -50.92
CA VAL B 127 1.41 -14.35 -50.77
C VAL B 127 0.05 -14.04 -51.34
N ASN B 128 -0.36 -14.83 -52.33
CA ASN B 128 -1.71 -14.76 -52.84
C ASN B 128 -2.48 -15.97 -52.34
N VAL B 129 -3.49 -15.74 -51.52
CA VAL B 129 -4.36 -16.79 -51.01
C VAL B 129 -5.73 -16.60 -51.66
N ARG B 130 -6.14 -17.58 -52.49
CA ARG B 130 -7.52 -17.64 -53.00
C ARG B 130 -7.91 -19.08 -53.32
N ALA B 131 -9.23 -19.25 -53.46
CA ALA B 131 -9.83 -20.56 -53.64
C ALA B 131 -9.31 -21.25 -54.91
N LYS B 132 -9.15 -20.49 -55.99
CA LYS B 132 -8.68 -21.08 -57.24
C LYS B 132 -7.27 -21.66 -57.13
N GLY B 133 -6.53 -21.31 -56.09
CA GLY B 133 -5.18 -21.81 -55.91
C GLY B 133 -4.30 -20.74 -55.29
N ASP B 134 -3.48 -21.11 -54.32
CA ASP B 134 -2.57 -20.15 -53.71
C ASP B 134 -1.33 -19.98 -54.59
N LYS B 135 -0.70 -18.82 -54.45
CA LYS B 135 0.50 -18.51 -55.21
C LYS B 135 1.48 -17.75 -54.32
N ILE B 136 2.77 -18.07 -54.46
CA ILE B 136 3.85 -17.34 -53.80
C ILE B 136 4.82 -16.87 -54.88
N ALA B 137 5.32 -15.64 -54.75
CA ALA B 137 6.18 -15.07 -55.79
C ALA B 137 7.33 -14.27 -55.17
N ILE B 138 8.51 -14.40 -55.77
CA ILE B 138 9.66 -13.55 -55.47
C ILE B 138 9.80 -12.53 -56.60
N TRP B 139 9.87 -11.25 -56.24
CA TRP B 139 9.94 -10.17 -57.22
C TRP B 139 11.37 -9.67 -57.33
N THR B 140 11.82 -9.49 -58.58
CA THR B 140 13.10 -8.90 -58.89
C THR B 140 12.86 -7.63 -59.70
N THR B 141 13.91 -6.80 -59.77
CA THR B 141 13.75 -5.41 -60.21
C THR B 141 13.83 -5.20 -61.71
N GLU B 142 14.57 -6.04 -62.43
CA GLU B 142 14.87 -5.76 -63.83
C GLU B 142 14.88 -7.07 -64.63
N CYS B 143 13.77 -7.36 -65.32
CA CYS B 143 13.66 -8.63 -66.01
C CYS B 143 14.65 -8.77 -67.16
N GLU B 144 15.34 -7.69 -67.54
CA GLU B 144 16.47 -7.80 -68.44
C GLU B 144 17.71 -8.31 -67.74
N ASN B 145 17.86 -8.02 -66.44
CA ASN B 145 19.03 -8.46 -65.70
C ASN B 145 19.00 -9.97 -65.53
N ARG B 146 19.25 -10.70 -66.62
CA ARG B 146 19.29 -12.15 -66.59
C ARG B 146 20.54 -12.61 -65.82
N ASP B 147 20.68 -13.92 -65.68
CA ASP B 147 21.74 -14.57 -64.91
C ASP B 147 21.53 -14.32 -63.41
N ALA B 148 21.15 -13.09 -63.04
CA ALA B 148 20.73 -12.85 -61.66
C ALA B 148 19.33 -13.39 -61.44
N VAL B 149 18.41 -13.05 -62.35
CA VAL B 149 17.07 -13.61 -62.31
C VAL B 149 17.12 -15.13 -62.47
N THR B 150 18.21 -15.65 -63.05
CA THR B 150 18.44 -17.10 -63.12
C THR B 150 18.95 -17.64 -61.79
N HIS B 151 19.90 -16.94 -61.17
CA HIS B 151 20.45 -17.40 -59.90
C HIS B 151 19.38 -17.35 -58.82
N ILE B 152 18.66 -16.23 -58.69
CA ILE B 152 17.61 -16.14 -57.69
C ILE B 152 16.60 -17.28 -57.86
N GLY B 153 16.24 -17.58 -59.10
CA GLY B 153 15.34 -18.70 -59.35
C GLY B 153 15.89 -20.04 -58.88
N ARG B 154 17.21 -20.23 -58.99
CA ARG B 154 17.79 -21.54 -58.68
C ARG B 154 17.96 -21.74 -57.19
N VAL B 155 18.40 -20.70 -56.46
CA VAL B 155 18.53 -20.81 -55.02
C VAL B 155 17.16 -21.00 -54.39
N TYR B 156 16.14 -20.35 -54.96
CA TYR B 156 14.79 -20.43 -54.42
C TYR B 156 14.30 -21.88 -54.37
N LYS B 157 14.50 -22.63 -55.46
CA LYS B 157 14.08 -24.03 -55.49
C LYS B 157 14.88 -24.89 -54.52
N GLU B 158 16.20 -24.68 -54.46
CA GLU B 158 17.04 -25.50 -53.59
C GLU B 158 16.67 -25.32 -52.13
N ARG B 159 16.38 -24.07 -51.72
CA ARG B 159 16.12 -23.80 -50.30
C ARG B 159 14.69 -24.18 -49.90
N LEU B 160 13.74 -24.16 -50.84
CA LEU B 160 12.40 -24.64 -50.55
C LEU B 160 12.28 -26.15 -50.66
N GLY B 161 13.20 -26.80 -51.36
CA GLY B 161 13.08 -28.21 -51.66
C GLY B 161 11.94 -28.48 -52.62
N LEU B 162 11.87 -27.72 -53.71
CA LEU B 162 10.78 -27.88 -54.66
C LEU B 162 11.19 -28.83 -55.77
N TYR B 170 9.42 -17.77 -63.65
CA TYR B 170 9.82 -16.40 -63.95
C TYR B 170 8.97 -15.82 -65.06
N GLN B 171 8.30 -14.70 -64.78
CA GLN B 171 7.51 -14.00 -65.77
C GLN B 171 7.47 -12.51 -65.42
N SER B 172 7.56 -11.67 -66.46
CA SER B 172 7.68 -10.24 -66.27
C SER B 172 6.32 -9.58 -66.09
N HIS B 173 6.34 -8.40 -65.46
CA HIS B 173 5.11 -7.70 -65.14
C HIS B 173 4.34 -7.26 -66.39
N ALA B 174 5.02 -7.10 -67.52
CA ALA B 174 4.36 -6.76 -68.77
C ALA B 174 3.83 -7.99 -69.49
N PRO C 4 -17.48 35.92 29.15
CA PRO C 4 -17.96 34.95 28.16
C PRO C 4 -17.04 33.73 28.11
N GLU C 5 -15.74 33.96 27.98
CA GLU C 5 -14.82 32.84 28.02
C GLU C 5 -14.99 32.06 29.31
N HIS C 6 -15.36 32.77 30.38
CA HIS C 6 -15.38 32.17 31.71
C HIS C 6 -16.51 31.14 31.88
N TYR C 7 -17.62 31.26 31.14
CA TYR C 7 -18.77 30.46 31.51
C TYR C 7 -19.52 29.76 30.37
N ILE C 8 -19.17 29.96 29.11
CA ILE C 8 -19.91 29.29 28.05
C ILE C 8 -19.23 27.98 27.67
N LYS C 9 -20.02 26.95 27.38
CA LYS C 9 -19.45 25.72 26.85
C LYS C 9 -18.85 25.99 25.48
N HIS C 10 -17.87 25.19 25.09
CA HIS C 10 -17.21 25.41 23.81
CA HIS C 10 -17.22 25.41 23.80
C HIS C 10 -17.97 24.65 22.72
N PRO C 11 -18.65 25.39 21.81
CA PRO C 11 -19.47 24.71 20.79
C PRO C 11 -18.59 23.97 19.80
N LEU C 12 -19.03 22.77 19.42
CA LEU C 12 -18.37 22.07 18.34
C LEU C 12 -18.95 22.51 16.99
N GLN C 13 -18.12 22.36 15.95
CA GLN C 13 -18.59 22.69 14.61
CA GLN C 13 -18.58 22.69 14.60
C GLN C 13 -19.82 21.88 14.22
N ASN C 14 -19.89 20.61 14.63
CA ASN C 14 -21.07 19.80 14.35
C ASN C 14 -21.75 19.27 15.61
N ARG C 15 -23.06 19.04 15.52
CA ARG C 15 -23.74 18.16 16.46
C ARG C 15 -23.48 16.71 16.08
N TRP C 16 -23.16 15.87 17.09
CA TRP C 16 -22.80 14.47 16.88
C TRP C 16 -23.71 13.55 17.69
N ALA C 17 -23.97 12.37 17.13
CA ALA C 17 -24.79 11.34 17.78
C ALA C 17 -23.97 10.07 17.98
N LEU C 18 -24.00 9.53 19.19
CA LEU C 18 -23.36 8.25 19.46
C LEU C 18 -24.40 7.13 19.51
N TRP C 19 -24.09 6.02 18.86
CA TRP C 19 -24.95 4.86 18.75
C TRP C 19 -24.27 3.63 19.35
N PHE C 20 -25.09 2.72 19.86
CA PHE C 20 -24.62 1.45 20.38
C PHE C 20 -25.36 0.33 19.66
N PHE C 21 -24.63 -0.75 19.42
CA PHE C 21 -25.17 -1.94 18.77
C PHE C 21 -24.82 -3.14 19.64
N LYS C 22 -25.79 -4.00 19.89
CA LYS C 22 -25.50 -5.27 20.56
C LYS C 22 -26.06 -6.37 19.70
N ASN C 23 -25.23 -7.39 19.46
CA ASN C 23 -25.67 -8.52 18.65
C ASN C 23 -26.69 -9.33 19.44
N ASP C 24 -27.91 -9.42 18.90
CA ASP C 24 -28.91 -10.29 19.49
C ASP C 24 -29.59 -10.92 18.30
N LYS C 25 -29.42 -12.24 18.16
CA LYS C 25 -29.95 -12.95 17.00
C LYS C 25 -31.48 -13.01 16.97
N SER C 26 -32.15 -12.64 18.06
CA SER C 26 -33.61 -12.56 18.07
C SER C 26 -34.14 -11.44 17.17
N LYS C 27 -33.29 -10.48 16.77
CA LYS C 27 -33.71 -9.20 16.20
C LYS C 27 -32.98 -8.92 14.88
N THR C 28 -33.61 -8.12 14.02
CA THR C 28 -32.92 -7.64 12.82
C THR C 28 -31.71 -6.81 13.24
N TRP C 29 -30.74 -6.68 12.32
CA TRP C 29 -29.60 -5.79 12.56
C TRP C 29 -30.04 -4.36 12.85
N GLN C 30 -30.99 -3.83 12.08
CA GLN C 30 -31.36 -2.45 12.32
C GLN C 30 -32.04 -2.32 13.67
N ALA C 31 -32.74 -3.38 14.13
CA ALA C 31 -33.43 -3.29 15.41
C ALA C 31 -32.45 -3.33 16.59
N ASN C 32 -31.25 -3.88 16.38
CA ASN C 32 -30.18 -3.94 17.37
C ASN C 32 -29.40 -2.62 17.49
N LEU C 33 -29.53 -1.71 16.53
CA LEU C 33 -28.85 -0.42 16.53
C LEU C 33 -29.65 0.62 17.33
N ARG C 34 -29.03 1.23 18.35
CA ARG C 34 -29.76 2.19 19.19
C ARG C 34 -28.95 3.47 19.40
N LEU C 35 -29.64 4.62 19.34
CA LEU C 35 -28.97 5.88 19.62
C LEU C 35 -28.86 6.05 21.12
N ILE C 36 -27.70 6.50 21.58
CA ILE C 36 -27.43 6.65 23.00
C ILE C 36 -27.81 8.07 23.40
N SER C 37 -27.12 9.05 22.83
CA SER C 37 -27.36 10.46 23.12
C SER C 37 -26.63 11.31 22.09
N LYS C 38 -26.88 12.61 22.13
CA LYS C 38 -26.21 13.55 21.27
C LYS C 38 -25.56 14.65 22.09
N PHE C 39 -24.61 15.35 21.46
CA PHE C 39 -23.90 16.44 22.12
C PHE C 39 -23.37 17.39 21.06
N ASP C 40 -23.23 18.67 21.43
CA ASP C 40 -22.66 19.60 20.44
C ASP C 40 -21.66 20.58 21.07
N THR C 41 -21.04 20.19 22.21
CA THR C 41 -19.98 20.97 22.86
C THR C 41 -18.86 20.04 23.31
N VAL C 42 -17.67 20.62 23.47
CA VAL C 42 -16.54 19.88 24.05
C VAL C 42 -16.92 19.27 25.39
N GLU C 43 -17.47 20.08 26.30
CA GLU C 43 -17.80 19.57 27.63
C GLU C 43 -18.84 18.44 27.57
N ASP C 44 -19.81 18.53 26.67
CA ASP C 44 -20.79 17.44 26.67
C ASP C 44 -20.19 16.18 26.06
N PHE C 45 -19.26 16.33 25.12
CA PHE C 45 -18.59 15.14 24.59
C PHE C 45 -17.86 14.38 25.69
N TRP C 46 -17.04 15.09 26.46
CA TRP C 46 -16.27 14.42 27.51
C TRP C 46 -17.16 13.88 28.62
N ALA C 47 -18.25 14.57 28.95
CA ALA C 47 -19.20 14.02 29.92
C ALA C 47 -19.74 12.67 29.45
N LEU C 48 -20.15 12.60 28.19
CA LEU C 48 -20.59 11.33 27.62
C LEU C 48 -19.43 10.32 27.63
N TYR C 49 -18.30 10.68 27.01
CA TYR C 49 -17.20 9.73 26.88
C TYR C 49 -16.73 9.22 28.24
N ASN C 50 -16.71 10.07 29.26
CA ASN C 50 -16.24 9.68 30.59
C ASN C 50 -17.16 8.68 31.30
N HIS C 51 -18.44 8.58 30.92
CA HIS C 51 -19.33 7.72 31.67
C HIS C 51 -19.64 6.40 30.98
N ILE C 52 -19.16 6.19 29.76
CA ILE C 52 -19.45 4.97 29.03
C ILE C 52 -18.22 4.07 29.00
N GLN C 53 -18.45 2.81 28.69
CA GLN C 53 -17.38 1.82 28.78
C GLN C 53 -16.35 2.02 27.68
N LEU C 54 -15.08 1.73 27.99
CA LEU C 54 -14.07 1.61 26.95
C LEU C 54 -14.48 0.52 25.98
N SER C 55 -14.16 0.73 24.70
CA SER C 55 -14.49 -0.23 23.65
C SER C 55 -13.89 -1.58 23.97
N SER C 56 -12.67 -1.58 24.53
CA SER C 56 -12.01 -2.80 24.94
C SER C 56 -12.80 -3.58 25.98
N ASN C 57 -13.78 -2.97 26.65
CA ASN C 57 -14.51 -3.68 27.69
C ASN C 57 -15.92 -4.07 27.26
N LEU C 58 -16.26 -3.85 26.00
CA LEU C 58 -17.56 -4.31 25.52
C LEU C 58 -17.51 -5.80 25.25
N MET C 59 -18.65 -6.46 25.43
CA MET C 59 -18.76 -7.83 25.02
C MET C 59 -18.60 -7.94 23.50
N PRO C 60 -18.05 -9.05 23.01
CA PRO C 60 -17.87 -9.21 21.57
C PRO C 60 -19.22 -9.14 20.86
N GLY C 61 -19.20 -8.63 19.64
CA GLY C 61 -20.42 -8.37 18.88
C GLY C 61 -21.02 -7.00 19.07
N CYS C 62 -20.42 -6.14 19.87
CA CYS C 62 -20.96 -4.80 20.10
C CYS C 62 -20.26 -3.80 19.18
N ASP C 63 -20.96 -2.71 18.86
CA ASP C 63 -20.38 -1.57 18.16
C ASP C 63 -20.69 -0.27 18.88
N TYR C 64 -19.78 0.68 18.72
CA TYR C 64 -20.04 2.09 18.94
C TYR C 64 -19.95 2.77 17.59
N SER C 65 -20.83 3.76 17.37
CA SER C 65 -20.77 4.60 16.19
C SER C 65 -20.96 6.05 16.61
N LEU C 66 -20.14 6.94 16.05
CA LEU C 66 -20.32 8.37 16.25
C LEU C 66 -20.54 8.96 14.88
N PHE C 67 -21.73 9.54 14.66
CA PHE C 67 -22.10 10.07 13.36
C PHE C 67 -22.67 11.48 13.50
N LYS C 68 -22.48 12.26 12.45
CA LYS C 68 -23.09 13.58 12.43
C LYS C 68 -24.60 13.45 12.60
N ASP C 69 -25.16 14.24 13.50
CA ASP C 69 -26.61 14.29 13.67
C ASP C 69 -27.32 14.37 12.33
N GLY C 70 -28.31 13.51 12.13
CA GLY C 70 -29.02 13.40 10.89
C GLY C 70 -28.57 12.26 9.99
N ILE C 71 -27.38 11.70 10.22
CA ILE C 71 -26.87 10.58 9.45
C ILE C 71 -26.86 9.34 10.33
N GLU C 72 -27.66 8.35 9.97
CA GLU C 72 -27.69 7.08 10.68
C GLU C 72 -26.47 6.22 10.36
N PRO C 73 -26.00 5.38 11.30
CA PRO C 73 -24.76 4.64 11.11
C PRO C 73 -24.92 3.36 10.29
N MET C 74 -25.50 3.49 9.10
CA MET C 74 -25.86 2.32 8.30
C MET C 74 -25.75 2.66 6.81
N TRP C 75 -25.39 1.65 6.01
CA TRP C 75 -25.15 1.88 4.58
C TRP C 75 -26.34 2.54 3.90
N GLU C 76 -27.55 2.21 4.34
CA GLU C 76 -28.75 2.64 3.62
C GLU C 76 -28.96 4.15 3.65
N ASP C 77 -28.38 4.86 4.61
CA ASP C 77 -28.58 6.30 4.73
C ASP C 77 -28.12 6.97 3.45
N GLU C 78 -28.88 7.99 3.03
CA GLU C 78 -28.59 8.71 1.79
C GLU C 78 -27.17 9.27 1.78
N LYS C 79 -26.63 9.65 2.94
CA LYS C 79 -25.27 10.19 3.00
C LYS C 79 -24.19 9.11 3.10
N ASN C 80 -24.55 7.83 3.22
CA ASN C 80 -23.56 6.75 3.21
C ASN C 80 -23.64 5.84 2.00
N LYS C 81 -24.78 5.83 1.29
CA LYS C 81 -25.05 4.83 0.24
C LYS C 81 -24.02 4.90 -0.89
N ARG C 82 -23.57 6.11 -1.24
CA ARG C 82 -22.60 6.27 -2.31
C ARG C 82 -21.16 6.38 -1.80
N GLY C 83 -20.94 6.14 -0.51
CA GLY C 83 -19.64 6.33 0.09
C GLY C 83 -18.93 5.04 0.49
N GLY C 84 -18.08 5.14 1.52
CA GLY C 84 -17.30 4.01 1.96
C GLY C 84 -16.55 4.38 3.22
N ARG C 85 -15.54 3.57 3.55
CA ARG C 85 -14.86 3.70 4.82
C ARG C 85 -13.36 3.42 4.68
N TRP C 86 -12.58 4.21 5.41
CA TRP C 86 -11.18 3.88 5.67
C TRP C 86 -11.16 2.85 6.81
N LEU C 87 -10.56 1.68 6.57
CA LEU C 87 -10.66 0.56 7.50
C LEU C 87 -9.35 0.32 8.25
N ILE C 88 -9.44 0.28 9.58
CA ILE C 88 -8.32 -0.13 10.42
C ILE C 88 -8.67 -1.50 11.00
N THR C 89 -7.92 -2.52 10.62
CA THR C 89 -8.08 -3.86 11.18
C THR C 89 -7.06 -4.10 12.28
N LEU C 90 -7.53 -4.54 13.44
CA LEU C 90 -6.65 -4.87 14.55
C LEU C 90 -6.67 -6.37 14.82
N ASN C 91 -5.49 -6.92 15.16
CA ASN C 91 -5.46 -8.28 15.63
C ASN C 91 -5.85 -8.33 17.10
N LYS C 92 -5.95 -9.55 17.62
CA LYS C 92 -6.41 -9.75 18.99
C LYS C 92 -5.45 -9.15 20.01
N GLN C 93 -4.15 -9.12 19.70
CA GLN C 93 -3.21 -8.47 20.59
C GLN C 93 -3.44 -6.96 20.63
N GLN C 94 -3.92 -6.38 19.54
CA GLN C 94 -4.14 -4.93 19.48
C GLN C 94 -5.38 -4.47 20.25
N ARG C 95 -6.31 -5.36 20.57
CA ARG C 95 -7.35 -5.03 21.53
C ARG C 95 -6.78 -4.42 22.79
N ARG C 96 -5.72 -5.04 23.31
CA ARG C 96 -5.04 -4.53 24.51
C ARG C 96 -4.37 -3.19 24.24
N SER C 97 -3.54 -3.12 23.20
CA SER C 97 -2.56 -2.03 23.13
C SER C 97 -3.06 -0.81 22.36
N ASP C 98 -3.97 -1.00 21.41
CA ASP C 98 -4.30 0.08 20.49
C ASP C 98 -5.78 0.43 20.38
N LEU C 99 -6.69 -0.51 20.67
CA LEU C 99 -8.12 -0.30 20.42
C LEU C 99 -8.63 1.00 21.01
N ASP C 100 -8.45 1.14 22.33
CA ASP C 100 -9.00 2.28 23.05
C ASP C 100 -8.32 3.58 22.61
N ARG C 101 -7.00 3.59 22.49
CA ARG C 101 -6.34 4.82 22.07
C ARG C 101 -6.68 5.18 20.62
N PHE C 102 -6.73 4.19 19.71
CA PHE C 102 -7.11 4.51 18.33
C PHE C 102 -8.54 5.04 18.28
N TRP C 103 -9.44 4.44 19.06
CA TRP C 103 -10.84 4.86 18.97
C TRP C 103 -11.01 6.30 19.43
N LEU C 104 -10.30 6.68 20.49
CA LEU C 104 -10.49 8.03 21.02
C LEU C 104 -9.86 9.05 20.08
N GLU C 105 -8.73 8.70 19.46
CA GLU C 105 -8.15 9.54 18.43
C GLU C 105 -9.10 9.70 17.23
N THR C 106 -9.82 8.63 16.84
CA THR C 106 -10.82 8.74 15.77
C THR C 106 -11.93 9.73 16.14
N LEU C 107 -12.46 9.60 17.37
CA LEU C 107 -13.47 10.51 17.88
C LEU C 107 -13.01 11.97 17.79
N LEU C 108 -11.75 12.24 18.15
CA LEU C 108 -11.28 13.62 18.11
C LEU C 108 -10.99 14.11 16.69
N CYS C 109 -10.57 13.22 15.79
CA CYS C 109 -10.51 13.59 14.37
C CYS C 109 -11.88 14.01 13.84
N LEU C 110 -12.95 13.37 14.32
CA LEU C 110 -14.29 13.79 13.92
C LEU C 110 -14.69 15.11 14.55
N ILE C 111 -14.74 15.17 15.89
CA ILE C 111 -15.36 16.34 16.50
C ILE C 111 -14.47 17.58 16.34
N GLY C 112 -13.15 17.40 16.33
CA GLY C 112 -12.22 18.48 16.04
C GLY C 112 -12.03 18.80 14.57
N GLU C 113 -12.79 18.15 13.67
CA GLU C 113 -12.75 18.41 12.24
C GLU C 113 -11.33 18.41 11.69
N SER C 114 -10.66 17.26 11.79
CA SER C 114 -9.22 17.24 11.57
C SER C 114 -8.80 17.22 10.10
N PHE C 115 -9.74 17.12 9.15
CA PHE C 115 -9.36 17.02 7.74
C PHE C 115 -9.74 18.24 6.92
N ASP C 116 -9.58 19.44 7.47
CA ASP C 116 -9.60 20.70 6.69
C ASP C 116 -10.92 20.78 5.92
N ASP C 117 -10.89 21.23 4.67
CA ASP C 117 -12.09 21.42 3.86
C ASP C 117 -12.84 20.12 3.62
N TYR C 118 -12.18 18.99 3.78
CA TYR C 118 -12.80 17.71 3.48
C TYR C 118 -13.50 17.11 4.68
N SER C 119 -13.47 17.78 5.85
CA SER C 119 -14.24 17.24 6.96
C SER C 119 -15.73 17.25 6.66
N ASP C 120 -16.15 17.95 5.60
CA ASP C 120 -17.53 17.84 5.17
C ASP C 120 -17.85 16.48 4.57
N ASP C 121 -16.89 15.81 3.91
CA ASP C 121 -17.15 14.47 3.40
C ASP C 121 -17.29 13.43 4.51
N VAL C 122 -16.81 13.72 5.72
CA VAL C 122 -16.90 12.73 6.79
C VAL C 122 -18.35 12.60 7.24
N CYS C 123 -18.81 11.36 7.37
CA CYS C 123 -20.12 11.06 7.93
C CYS C 123 -20.05 10.67 9.40
N GLY C 124 -19.06 9.85 9.77
CA GLY C 124 -18.97 9.36 11.11
C GLY C 124 -17.92 8.25 11.22
N ALA C 125 -17.89 7.60 12.37
CA ALA C 125 -16.94 6.52 12.56
C ALA C 125 -17.56 5.39 13.36
N VAL C 126 -17.04 4.17 13.16
CA VAL C 126 -17.56 2.94 13.78
C VAL C 126 -16.40 2.11 14.34
N VAL C 127 -16.56 1.63 15.58
CA VAL C 127 -15.70 0.57 16.12
C VAL C 127 -16.54 -0.69 16.34
N ASN C 128 -16.08 -1.81 15.78
CA ASN C 128 -16.66 -3.13 15.99
C ASN C 128 -15.76 -3.90 16.94
N VAL C 129 -16.29 -4.29 18.10
CA VAL C 129 -15.62 -5.21 19.01
C VAL C 129 -16.00 -6.63 18.58
N ARG C 130 -15.00 -7.45 18.22
CA ARG C 130 -15.24 -8.80 17.73
C ARG C 130 -14.13 -9.76 18.17
N ALA C 131 -14.53 -10.98 18.54
CA ALA C 131 -13.56 -12.00 18.94
C ALA C 131 -12.54 -12.26 17.85
N LYS C 132 -12.96 -12.20 16.58
CA LYS C 132 -12.09 -12.50 15.45
C LYS C 132 -11.05 -11.44 15.20
N GLY C 133 -11.25 -10.23 15.74
CA GLY C 133 -10.40 -9.09 15.42
C GLY C 133 -11.22 -7.82 15.31
N ASP C 134 -10.88 -6.83 16.14
CA ASP C 134 -11.62 -5.59 16.18
C ASP C 134 -11.37 -4.77 14.92
N LYS C 135 -12.30 -3.84 14.64
CA LYS C 135 -12.17 -2.94 13.50
C LYS C 135 -12.55 -1.52 13.92
N ILE C 136 -11.87 -0.54 13.32
CA ILE C 136 -12.23 0.87 13.44
C ILE C 136 -12.26 1.43 12.03
N ALA C 137 -13.22 2.31 11.74
CA ALA C 137 -13.33 2.86 10.41
C ALA C 137 -13.92 4.25 10.46
N ILE C 138 -13.51 5.11 9.53
CA ILE C 138 -14.14 6.41 9.27
C ILE C 138 -14.92 6.31 7.96
N TRP C 139 -16.20 6.68 8.01
CA TRP C 139 -17.10 6.61 6.87
C TRP C 139 -17.18 7.97 6.20
N THR C 140 -16.97 8.00 4.89
CA THR C 140 -17.10 9.19 4.08
C THR C 140 -18.29 9.03 3.13
N THR C 141 -18.74 10.14 2.54
CA THR C 141 -20.05 10.20 1.89
C THR C 141 -20.04 9.85 0.41
N GLU C 142 -18.90 9.93 -0.29
CA GLU C 142 -18.89 9.75 -1.74
C GLU C 142 -17.55 9.13 -2.13
N CYS C 143 -17.57 7.86 -2.58
CA CYS C 143 -16.31 7.17 -2.88
C CYS C 143 -15.67 7.70 -4.15
N GLU C 144 -16.43 8.41 -4.99
CA GLU C 144 -15.86 9.00 -6.20
C GLU C 144 -15.09 10.29 -5.91
N ASN C 145 -15.23 10.86 -4.70
CA ASN C 145 -14.47 12.06 -4.34
C ASN C 145 -13.04 11.62 -4.00
N ARG C 146 -12.25 11.39 -5.05
CA ARG C 146 -10.90 10.84 -4.88
C ARG C 146 -10.04 11.73 -3.99
N ASP C 147 -10.08 13.06 -4.20
CA ASP C 147 -9.23 13.95 -3.41
C ASP C 147 -9.64 13.99 -1.95
N ALA C 148 -10.95 14.06 -1.67
CA ALA C 148 -11.40 14.04 -0.28
C ALA C 148 -11.03 12.74 0.41
N VAL C 149 -11.26 11.61 -0.25
CA VAL C 149 -10.99 10.31 0.35
C VAL C 149 -9.51 10.16 0.63
N THR C 150 -8.68 10.45 -0.38
CA THR C 150 -7.23 10.33 -0.23
C THR C 150 -6.71 11.20 0.90
N HIS C 151 -7.22 12.43 1.01
CA HIS C 151 -6.73 13.33 2.04
C HIS C 151 -7.16 12.86 3.42
N ILE C 152 -8.37 12.31 3.54
CA ILE C 152 -8.78 11.75 4.82
C ILE C 152 -7.96 10.50 5.16
N GLY C 153 -7.61 9.69 4.15
CA GLY C 153 -6.81 8.52 4.45
C GLY C 153 -5.43 8.87 5.00
N ARG C 154 -4.77 9.88 4.38
CA ARG C 154 -3.42 10.26 4.81
C ARG C 154 -3.41 10.92 6.18
N VAL C 155 -4.33 11.85 6.42
CA VAL C 155 -4.36 12.51 7.72
C VAL C 155 -4.68 11.51 8.82
N TYR C 156 -5.64 10.61 8.55
CA TYR C 156 -6.04 9.59 9.52
C TYR C 156 -4.87 8.70 9.90
N LYS C 157 -4.17 8.21 8.89
CA LYS C 157 -3.10 7.25 9.13
C LYS C 157 -2.01 7.89 9.99
N GLU C 158 -1.68 9.15 9.72
CA GLU C 158 -0.62 9.79 10.47
C GLU C 158 -1.10 10.16 11.86
N ARG C 159 -2.38 10.48 12.02
CA ARG C 159 -2.87 10.87 13.35
C ARG C 159 -2.92 9.68 14.29
N LEU C 160 -3.13 8.49 13.75
CA LEU C 160 -3.06 7.28 14.56
C LEU C 160 -1.64 6.82 14.82
N GLY C 161 -0.66 7.39 14.13
CA GLY C 161 0.71 6.98 14.32
C GLY C 161 1.02 5.62 13.72
N LEU C 162 0.25 5.19 12.71
CA LEU C 162 0.54 3.93 12.07
C LEU C 162 1.86 4.05 11.29
N PRO C 163 2.63 2.97 11.23
CA PRO C 163 3.92 3.06 10.57
C PRO C 163 3.78 3.19 9.08
N PRO C 164 4.74 3.81 8.40
CA PRO C 164 4.71 3.83 6.93
C PRO C 164 4.92 2.47 6.29
N LYS C 165 5.32 1.45 7.05
CA LYS C 165 5.44 0.11 6.48
C LYS C 165 4.08 -0.54 6.24
N ILE C 166 3.05 -0.10 6.95
CA ILE C 166 1.70 -0.63 6.88
C ILE C 166 0.87 0.25 5.96
N VAL C 167 -0.11 -0.37 5.33
CA VAL C 167 -1.08 0.34 4.52
C VAL C 167 -2.48 0.09 5.09
N ILE C 168 -3.35 1.10 5.00
CA ILE C 168 -4.78 0.95 5.28
C ILE C 168 -5.54 1.12 3.96
N GLY C 169 -6.76 0.56 3.95
CA GLY C 169 -7.55 0.51 2.74
C GLY C 169 -8.89 1.21 2.87
N TYR C 170 -9.40 1.67 1.74
CA TYR C 170 -10.71 2.33 1.64
C TYR C 170 -11.63 1.45 0.80
N GLN C 171 -12.75 1.05 1.36
CA GLN C 171 -13.71 0.19 0.68
C GLN C 171 -15.06 0.89 0.54
N SER C 172 -15.69 0.75 -0.63
CA SER C 172 -17.01 1.33 -0.83
C SER C 172 -18.06 0.46 -0.16
N HIS C 173 -19.05 1.11 0.48
CA HIS C 173 -20.11 0.36 1.15
C HIS C 173 -20.89 -0.49 0.15
N ALA C 174 -20.95 -0.05 -1.11
CA ALA C 174 -21.60 -0.85 -2.14
C ALA C 174 -21.01 -2.26 -2.22
N ASP C 175 -19.68 -2.36 -2.21
CA ASP C 175 -19.07 -3.69 -2.27
C ASP C 175 -19.16 -4.42 -0.94
N THR C 176 -19.02 -3.69 0.18
CA THR C 176 -19.12 -4.32 1.49
C THR C 176 -20.47 -4.98 1.72
N ALA C 177 -21.56 -4.30 1.36
CA ALA C 177 -22.88 -4.88 1.54
C ALA C 177 -23.09 -6.12 0.68
N THR C 178 -22.35 -6.24 -0.43
CA THR C 178 -22.50 -7.35 -1.35
C THR C 178 -21.58 -8.52 -1.01
N LYS C 185 -12.11 -5.88 -1.69
CA LYS C 185 -11.26 -5.08 -2.56
C LYS C 185 -11.17 -3.64 -2.04
N ASN C 186 -10.00 -3.01 -2.18
CA ASN C 186 -9.77 -1.63 -1.77
C ASN C 186 -9.83 -0.68 -2.96
N ARG C 187 -10.62 0.40 -2.84
CA ARG C 187 -10.65 1.44 -3.87
C ARG C 187 -9.41 2.34 -3.79
N PHE C 188 -8.89 2.54 -2.58
CA PHE C 188 -7.73 3.38 -2.30
C PHE C 188 -6.90 2.71 -1.21
N VAL C 189 -5.59 2.98 -1.21
CA VAL C 189 -4.71 2.58 -0.11
C VAL C 189 -3.74 3.73 0.18
N VAL C 190 -3.45 3.94 1.46
CA VAL C 190 -2.45 4.94 1.87
C VAL C 190 -1.58 4.37 2.98
N PRO D 4 -28.78 0.60 28.35
CA PRO D 4 -27.99 1.33 29.36
C PRO D 4 -26.93 0.47 30.03
N GLU D 5 -27.36 -0.64 30.64
CA GLU D 5 -26.41 -1.52 31.31
C GLU D 5 -25.35 -2.04 30.34
N HIS D 6 -25.67 -2.07 29.05
CA HIS D 6 -24.81 -2.72 28.07
C HIS D 6 -23.53 -1.93 27.81
N TYR D 7 -23.53 -0.62 28.06
CA TYR D 7 -22.39 0.21 27.70
C TYR D 7 -21.99 1.23 28.76
N ILE D 8 -22.74 1.41 29.82
CA ILE D 8 -22.39 2.43 30.79
C ILE D 8 -21.57 1.79 31.89
N LYS D 9 -20.51 2.47 32.29
CA LYS D 9 -19.76 2.04 33.47
C LYS D 9 -20.65 2.10 34.70
N HIS D 10 -20.25 1.32 35.72
CA HIS D 10 -21.04 1.20 36.95
C HIS D 10 -20.53 2.21 37.96
N PRO D 11 -21.28 3.26 38.28
CA PRO D 11 -20.73 4.31 39.15
C PRO D 11 -20.58 3.82 40.58
N LEU D 12 -19.60 4.39 41.27
CA LEU D 12 -19.47 4.22 42.72
C LEU D 12 -20.21 5.36 43.42
N GLN D 13 -20.61 5.11 44.67
CA GLN D 13 -21.26 6.15 45.46
C GLN D 13 -20.35 7.36 45.60
N ASN D 14 -19.06 7.13 45.80
CA ASN D 14 -18.10 8.21 45.97
C ASN D 14 -17.02 8.13 44.90
N ARG D 15 -16.45 9.30 44.59
CA ARG D 15 -15.18 9.31 43.89
C ARG D 15 -14.05 9.15 44.91
N TRP D 16 -13.05 8.37 44.55
CA TRP D 16 -11.95 8.07 45.44
C TRP D 16 -10.62 8.50 44.83
N ALA D 17 -9.67 8.84 45.69
CA ALA D 17 -8.34 9.21 45.26
C ALA D 17 -7.34 8.25 45.89
N LEU D 18 -6.44 7.72 45.07
CA LEU D 18 -5.39 6.89 45.63
C LEU D 18 -4.08 7.67 45.53
N TRP D 19 -3.32 7.62 46.63
CA TRP D 19 -2.11 8.39 46.81
C TRP D 19 -0.96 7.44 47.11
N PHE D 20 0.26 7.91 46.86
CA PHE D 20 1.47 7.15 47.10
C PHE D 20 2.44 7.97 47.95
N PHE D 21 3.22 7.27 48.76
CA PHE D 21 4.26 7.88 49.59
C PHE D 21 5.58 7.17 49.29
N LYS D 22 6.51 7.91 48.69
CA LYS D 22 7.85 7.41 48.42
C LYS D 22 8.80 7.89 49.52
N ASN D 23 9.40 6.96 50.26
CA ASN D 23 10.33 7.32 51.31
C ASN D 23 11.56 8.01 50.73
N ASP D 24 11.80 9.25 51.13
CA ASP D 24 12.98 10.00 50.72
C ASP D 24 13.35 11.01 51.80
N LYS D 25 14.61 10.97 52.23
CA LYS D 25 15.09 11.85 53.28
C LYS D 25 15.50 13.23 52.77
N SER D 26 15.83 13.37 51.48
CA SER D 26 16.16 14.68 50.93
C SER D 26 14.95 15.60 50.84
N LYS D 27 13.77 15.10 51.19
CA LYS D 27 12.54 15.87 51.18
C LYS D 27 11.82 15.66 52.51
N THR D 28 10.90 16.57 52.81
CA THR D 28 10.06 16.44 53.99
C THR D 28 8.95 15.41 53.72
N TRP D 29 8.18 15.11 54.77
CA TRP D 29 7.13 14.09 54.65
C TRP D 29 6.10 14.47 53.58
N GLN D 30 5.70 15.74 53.56
CA GLN D 30 4.64 16.17 52.63
C GLN D 30 5.11 16.19 51.18
N ALA D 31 6.39 16.51 50.95
CA ALA D 31 6.92 16.48 49.59
C ALA D 31 7.02 15.07 49.04
N ASN D 32 6.88 14.05 49.88
CA ASN D 32 6.93 12.66 49.46
C ASN D 32 5.56 12.08 49.17
N LEU D 33 4.49 12.70 49.68
CA LEU D 33 3.13 12.27 49.37
C LEU D 33 2.73 12.84 48.02
N ARG D 34 2.12 12.01 47.17
CA ARG D 34 1.77 12.47 45.83
C ARG D 34 0.54 11.75 45.31
N LEU D 35 -0.40 12.53 44.77
CA LEU D 35 -1.60 11.95 44.17
C LEU D 35 -1.23 11.09 42.97
N ILE D 36 -1.94 9.97 42.82
CA ILE D 36 -1.74 9.13 41.66
C ILE D 36 -2.84 9.45 40.65
N SER D 37 -4.08 9.13 40.99
CA SER D 37 -5.23 9.41 40.12
C SER D 37 -6.50 9.13 40.90
N LYS D 38 -7.63 9.49 40.30
CA LYS D 38 -8.94 9.27 40.88
C LYS D 38 -9.81 8.49 39.91
N PHE D 39 -10.91 7.99 40.44
CA PHE D 39 -11.87 7.15 39.72
C PHE D 39 -13.19 7.21 40.46
N ASP D 40 -14.27 6.93 39.73
CA ASP D 40 -15.57 6.90 40.40
C ASP D 40 -16.47 5.82 39.82
N THR D 41 -15.90 4.86 39.11
CA THR D 41 -16.62 3.70 38.61
C THR D 41 -15.85 2.45 39.00
N VAL D 42 -16.54 1.31 38.89
CA VAL D 42 -15.91 0.03 39.19
C VAL D 42 -14.84 -0.28 38.15
N GLU D 43 -15.12 0.07 36.88
CA GLU D 43 -14.17 -0.28 35.83
C GLU D 43 -12.90 0.57 35.92
N ASP D 44 -13.05 1.88 36.21
CA ASP D 44 -11.87 2.69 36.40
C ASP D 44 -11.07 2.24 37.63
N PHE D 45 -11.75 1.71 38.65
CA PHE D 45 -11.03 1.21 39.82
C PHE D 45 -10.11 0.06 39.45
N TRP D 46 -10.64 -0.94 38.71
CA TRP D 46 -9.83 -2.10 38.34
C TRP D 46 -8.77 -1.71 37.32
N ALA D 47 -9.05 -0.74 36.46
CA ALA D 47 -8.04 -0.21 35.56
C ALA D 47 -6.83 0.27 36.35
N LEU D 48 -7.06 0.92 37.48
CA LEU D 48 -5.94 1.43 38.26
C LEU D 48 -5.29 0.31 39.07
N TYR D 49 -6.11 -0.51 39.73
CA TYR D 49 -5.57 -1.55 40.59
C TYR D 49 -4.74 -2.56 39.80
N ASN D 50 -5.19 -2.94 38.60
CA ASN D 50 -4.50 -3.96 37.83
C ASN D 50 -3.13 -3.50 37.32
N HIS D 51 -2.86 -2.19 37.23
CA HIS D 51 -1.60 -1.76 36.61
C HIS D 51 -0.57 -1.25 37.61
N ILE D 52 -0.90 -1.21 38.91
CA ILE D 52 0.04 -0.76 39.93
C ILE D 52 0.52 -1.96 40.74
N GLN D 53 1.68 -1.78 41.39
CA GLN D 53 2.33 -2.85 42.14
C GLN D 53 1.45 -3.30 43.30
N LEU D 54 1.52 -4.60 43.58
CA LEU D 54 0.98 -5.10 44.84
C LEU D 54 1.75 -4.47 45.98
N SER D 55 1.06 -4.26 47.11
CA SER D 55 1.69 -3.65 48.26
C SER D 55 2.92 -4.45 48.68
N SER D 56 2.83 -5.78 48.58
CA SER D 56 3.94 -6.64 48.98
C SER D 56 5.18 -6.43 48.12
N ASN D 57 5.05 -5.76 46.96
CA ASN D 57 6.19 -5.43 46.13
C ASN D 57 6.67 -4.00 46.32
N LEU D 58 6.06 -3.24 47.23
CA LEU D 58 6.52 -1.88 47.48
C LEU D 58 7.72 -1.93 48.40
N MET D 59 8.73 -1.13 48.08
CA MET D 59 9.87 -0.95 48.97
C MET D 59 9.38 -0.60 50.38
N PRO D 60 9.87 -1.27 51.43
CA PRO D 60 9.53 -0.83 52.78
C PRO D 60 9.80 0.66 52.94
N GLY D 61 8.95 1.33 53.70
CA GLY D 61 8.98 2.77 53.80
C GLY D 61 7.94 3.48 52.96
N CYS D 62 7.24 2.77 52.08
CA CYS D 62 6.26 3.33 51.17
C CYS D 62 4.84 3.01 51.62
N ASP D 63 3.89 3.80 51.11
CA ASP D 63 2.48 3.69 51.47
C ASP D 63 1.60 3.89 50.23
N TYR D 64 0.44 3.24 50.26
CA TYR D 64 -0.70 3.55 49.42
C TYR D 64 -1.80 4.08 50.32
N SER D 65 -2.58 5.03 49.81
CA SER D 65 -3.73 5.54 50.54
C SER D 65 -4.89 5.72 49.57
N LEU D 66 -6.05 5.19 49.93
CA LEU D 66 -7.29 5.41 49.20
C LEU D 66 -8.19 6.31 50.04
N PHE D 67 -8.44 7.53 49.56
CA PHE D 67 -9.24 8.48 50.30
C PHE D 67 -10.33 9.10 49.42
N LYS D 68 -11.46 9.39 50.06
CA LYS D 68 -12.51 10.13 49.39
C LYS D 68 -11.98 11.43 48.81
N ASP D 69 -12.47 11.78 47.64
CA ASP D 69 -12.01 12.98 46.98
C ASP D 69 -12.27 14.18 47.88
N GLY D 70 -11.24 15.00 48.09
CA GLY D 70 -11.30 16.11 49.00
C GLY D 70 -10.61 15.89 50.34
N ILE D 71 -10.47 14.64 50.77
CA ILE D 71 -9.82 14.33 52.03
C ILE D 71 -8.38 13.96 51.73
N GLU D 72 -7.46 14.81 52.17
CA GLU D 72 -6.05 14.48 52.08
C GLU D 72 -5.71 13.38 53.08
N PRO D 73 -4.77 12.49 52.73
CA PRO D 73 -4.41 11.36 53.61
C PRO D 73 -3.49 11.77 54.76
N MET D 74 -3.86 12.83 55.48
CA MET D 74 -3.03 13.34 56.56
C MET D 74 -3.90 13.74 57.74
N TRP D 75 -3.35 13.56 58.94
CA TRP D 75 -4.05 13.91 60.17
C TRP D 75 -4.43 15.39 60.21
N GLU D 76 -3.64 16.24 59.56
CA GLU D 76 -3.88 17.69 59.60
C GLU D 76 -5.01 18.13 58.68
N ASP D 77 -5.52 17.27 57.79
CA ASP D 77 -6.67 17.65 56.99
C ASP D 77 -7.89 17.85 57.87
N GLU D 78 -8.81 18.70 57.41
CA GLU D 78 -9.99 19.04 58.20
C GLU D 78 -10.82 17.81 58.53
N LYS D 79 -10.80 16.80 57.67
CA LYS D 79 -11.59 15.61 57.90
C LYS D 79 -10.90 14.58 58.79
N ASN D 80 -9.58 14.69 58.99
CA ASN D 80 -8.84 13.78 59.86
C ASN D 80 -8.34 14.43 61.14
N LYS D 81 -8.51 15.75 61.29
CA LYS D 81 -8.11 16.41 62.54
C LYS D 81 -8.85 15.82 63.73
N ARG D 82 -10.16 15.64 63.60
CA ARG D 82 -11.01 15.15 64.68
C ARG D 82 -11.26 13.65 64.60
N GLY D 83 -10.62 12.95 63.66
CA GLY D 83 -10.82 11.55 63.46
C GLY D 83 -9.76 10.70 64.14
N GLY D 84 -9.65 9.46 63.69
CA GLY D 84 -8.67 8.52 64.22
C GLY D 84 -8.24 7.55 63.15
N ARG D 85 -8.25 6.26 63.48
CA ARG D 85 -7.86 5.19 62.55
C ARG D 85 -7.98 3.83 63.22
N TRP D 86 -8.78 2.93 62.66
CA TRP D 86 -8.81 1.55 63.15
C TRP D 86 -7.69 0.78 62.45
N LEU D 87 -6.61 0.47 63.18
CA LEU D 87 -5.37 -0.02 62.61
C LEU D 87 -5.14 -1.51 62.88
N ILE D 88 -4.82 -2.26 61.82
CA ILE D 88 -4.31 -3.63 61.93
C ILE D 88 -2.81 -3.61 61.69
N THR D 89 -2.07 -4.35 62.51
CA THR D 89 -0.63 -4.46 62.38
C THR D 89 -0.27 -5.93 62.15
N LEU D 90 0.59 -6.17 61.18
CA LEU D 90 0.96 -7.51 60.74
C LEU D 90 2.42 -7.82 61.08
N ASN D 91 2.72 -9.10 61.22
CA ASN D 91 4.08 -9.55 61.51
C ASN D 91 4.84 -9.79 60.20
N LYS D 92 6.08 -10.25 60.30
CA LYS D 92 6.91 -10.43 59.12
C LYS D 92 6.36 -11.47 58.16
N GLN D 93 5.58 -12.44 58.67
CA GLN D 93 5.04 -13.49 57.82
C GLN D 93 3.73 -13.09 57.14
N GLN D 94 2.87 -12.34 57.82
CA GLN D 94 1.54 -12.05 57.30
C GLN D 94 1.57 -11.20 56.04
N ARG D 95 2.67 -10.48 55.79
CA ARG D 95 2.83 -9.81 54.52
C ARG D 95 2.63 -10.79 53.38
N ARG D 96 3.30 -11.93 53.44
CA ARG D 96 3.17 -12.93 52.38
C ARG D 96 1.77 -13.54 52.35
N SER D 97 1.25 -13.95 53.51
CA SER D 97 -0.01 -14.71 53.55
C SER D 97 -1.24 -13.83 53.45
N ASP D 98 -1.16 -12.55 53.81
CA ASP D 98 -2.37 -11.76 53.96
C ASP D 98 -2.31 -10.32 53.45
N LEU D 99 -1.14 -9.68 53.35
CA LEU D 99 -1.11 -8.22 53.20
C LEU D 99 -1.88 -7.79 51.96
N ASP D 100 -1.61 -8.42 50.83
CA ASP D 100 -2.27 -8.02 49.60
C ASP D 100 -3.74 -8.39 49.60
N ARG D 101 -4.11 -9.52 50.23
CA ARG D 101 -5.51 -9.90 50.23
C ARG D 101 -6.34 -9.05 51.20
N PHE D 102 -5.77 -8.70 52.36
CA PHE D 102 -6.47 -7.80 53.26
C PHE D 102 -6.63 -6.42 52.65
N TRP D 103 -5.65 -6.00 51.85
CA TRP D 103 -5.69 -4.67 51.27
C TRP D 103 -6.79 -4.56 50.21
N LEU D 104 -7.01 -5.63 49.43
CA LEU D 104 -7.98 -5.55 48.35
C LEU D 104 -9.41 -5.57 48.89
N GLU D 105 -9.71 -6.45 49.85
CA GLU D 105 -11.05 -6.42 50.42
C GLU D 105 -11.31 -5.14 51.20
N THR D 106 -10.25 -4.46 51.66
CA THR D 106 -10.43 -3.16 52.27
C THR D 106 -10.87 -2.14 51.23
N LEU D 107 -10.21 -2.12 50.07
CA LEU D 107 -10.62 -1.22 49.00
C LEU D 107 -12.02 -1.55 48.53
N LEU D 108 -12.33 -2.84 48.46
CA LEU D 108 -13.68 -3.25 48.05
C LEU D 108 -14.71 -2.83 49.08
N CYS D 109 -14.35 -2.82 50.37
CA CYS D 109 -15.28 -2.34 51.37
C CYS D 109 -15.47 -0.84 51.28
N LEU D 110 -14.39 -0.10 50.99
CA LEU D 110 -14.46 1.35 50.83
C LEU D 110 -15.33 1.72 49.64
N ILE D 111 -14.87 1.37 48.44
CA ILE D 111 -15.61 1.76 47.23
C ILE D 111 -16.96 1.06 47.15
N GLY D 112 -17.11 -0.07 47.82
CA GLY D 112 -18.42 -0.70 47.88
C GLY D 112 -19.33 -0.18 48.96
N GLU D 113 -18.91 0.84 49.70
CA GLU D 113 -19.65 1.37 50.86
C GLU D 113 -20.18 0.22 51.72
N SER D 114 -19.25 -0.66 52.13
CA SER D 114 -19.62 -1.86 52.87
C SER D 114 -20.03 -1.57 54.31
N PHE D 115 -19.97 -0.33 54.78
CA PHE D 115 -20.23 0.02 56.17
C PHE D 115 -21.66 0.48 56.44
N ASP D 116 -22.57 0.29 55.48
CA ASP D 116 -24.03 0.48 55.65
C ASP D 116 -24.31 1.95 56.00
N ASP D 117 -25.19 2.22 56.96
CA ASP D 117 -25.63 3.58 57.26
C ASP D 117 -24.53 4.43 57.89
N TYR D 118 -23.38 3.85 58.24
CA TYR D 118 -22.28 4.58 58.88
C TYR D 118 -21.12 4.83 57.93
N SER D 119 -21.26 4.51 56.63
CA SER D 119 -20.16 4.70 55.69
C SER D 119 -19.78 6.15 55.49
N ASP D 120 -20.59 7.10 55.92
CA ASP D 120 -20.23 8.51 55.78
C ASP D 120 -19.11 8.91 56.72
N ASP D 121 -18.79 8.10 57.73
CA ASP D 121 -17.67 8.42 58.61
C ASP D 121 -16.36 7.77 58.17
N VAL D 122 -16.36 7.00 57.09
CA VAL D 122 -15.11 6.55 56.49
C VAL D 122 -14.50 7.72 55.72
N CYS D 123 -13.23 8.02 56.00
CA CYS D 123 -12.50 8.98 55.18
C CYS D 123 -11.57 8.28 54.19
N GLY D 124 -11.05 7.12 54.55
CA GLY D 124 -10.20 6.38 53.65
C GLY D 124 -9.47 5.27 54.38
N ALA D 125 -8.50 4.69 53.67
CA ALA D 125 -7.69 3.60 54.21
C ALA D 125 -6.25 3.80 53.75
N VAL D 126 -5.33 3.22 54.52
CA VAL D 126 -3.90 3.37 54.22
C VAL D 126 -3.21 2.02 54.42
N VAL D 127 -2.34 1.69 53.49
CA VAL D 127 -1.46 0.54 53.57
C VAL D 127 -0.06 1.06 53.89
N ASN D 128 0.48 0.67 55.04
CA ASN D 128 1.86 0.98 55.40
C ASN D 128 2.70 -0.28 55.25
N VAL D 129 3.71 -0.21 54.38
CA VAL D 129 4.66 -1.31 54.15
C VAL D 129 5.98 -0.90 54.79
N ARG D 130 6.39 -1.63 55.83
CA ARG D 130 7.69 -1.40 56.44
C ARG D 130 8.26 -2.68 57.02
N ALA D 131 9.60 -2.71 57.13
CA ALA D 131 10.30 -3.93 57.48
C ALA D 131 9.92 -4.43 58.86
N LYS D 132 9.83 -3.53 59.84
CA LYS D 132 9.47 -3.94 61.20
C LYS D 132 8.06 -4.53 61.26
N GLY D 133 7.27 -4.40 60.20
CA GLY D 133 5.94 -4.93 60.16
C GLY D 133 5.02 -4.04 59.34
N ASP D 134 4.18 -4.66 58.52
CA ASP D 134 3.22 -3.91 57.74
C ASP D 134 1.98 -3.62 58.58
N LYS D 135 1.26 -2.56 58.22
CA LYS D 135 0.04 -2.16 58.90
C LYS D 135 -0.95 -1.63 57.89
N ILE D 136 -2.24 -1.98 58.07
CA ILE D 136 -3.35 -1.46 57.29
C ILE D 136 -4.33 -0.81 58.25
N ALA D 137 -4.89 0.34 57.86
CA ALA D 137 -5.77 1.08 58.74
C ALA D 137 -6.95 1.67 57.96
N ILE D 138 -8.13 1.65 58.58
CA ILE D 138 -9.29 2.38 58.10
C ILE D 138 -9.44 3.64 58.95
N TRP D 139 -9.58 4.78 58.30
CA TRP D 139 -9.70 6.06 58.99
C TRP D 139 -11.16 6.49 59.07
N THR D 140 -11.54 7.02 60.24
CA THR D 140 -12.86 7.58 60.46
C THR D 140 -12.73 9.08 60.74
N THR D 141 -13.84 9.80 60.59
CA THR D 141 -13.81 11.26 60.53
C THR D 141 -13.95 11.94 61.88
N GLU D 142 -14.63 11.32 62.84
CA GLU D 142 -14.93 11.98 64.11
C GLU D 142 -14.82 10.91 65.19
N CYS D 143 -13.67 10.85 65.85
CA CYS D 143 -13.50 9.79 66.85
C CYS D 143 -14.41 9.99 68.07
N GLU D 144 -15.16 11.09 68.13
CA GLU D 144 -16.24 11.23 69.08
C GLU D 144 -17.48 10.42 68.68
N ASN D 145 -17.70 10.21 67.38
CA ASN D 145 -18.83 9.42 66.88
C ASN D 145 -18.63 7.96 67.27
N ARG D 146 -18.88 7.67 68.55
CA ARG D 146 -18.65 6.33 69.09
C ARG D 146 -19.57 5.28 68.48
N ASP D 147 -20.81 5.64 68.15
CA ASP D 147 -21.75 4.65 67.64
C ASP D 147 -21.32 4.13 66.26
N ALA D 148 -20.80 5.03 65.42
CA ALA D 148 -20.31 4.64 64.09
C ALA D 148 -18.98 3.90 64.15
N VAL D 149 -18.03 4.41 64.94
CA VAL D 149 -16.72 3.77 65.05
C VAL D 149 -16.83 2.33 65.51
N THR D 150 -17.94 1.95 66.13
CA THR D 150 -18.14 0.54 66.49
C THR D 150 -18.56 -0.28 65.27
N HIS D 151 -19.51 0.22 64.48
CA HIS D 151 -19.97 -0.53 63.31
C HIS D 151 -18.85 -0.72 62.30
N ILE D 152 -18.18 0.38 61.93
CA ILE D 152 -17.05 0.28 60.99
C ILE D 152 -15.99 -0.67 61.53
N GLY D 153 -15.72 -0.61 62.83
CA GLY D 153 -14.79 -1.57 63.42
C GLY D 153 -15.25 -3.00 63.30
N ARG D 154 -16.56 -3.23 63.39
CA ARG D 154 -17.07 -4.60 63.42
C ARG D 154 -17.19 -5.20 62.02
N VAL D 155 -17.67 -4.41 61.04
CA VAL D 155 -17.80 -4.93 59.68
C VAL D 155 -16.44 -5.28 59.09
N TYR D 156 -15.41 -4.49 59.43
CA TYR D 156 -14.06 -4.70 58.93
C TYR D 156 -13.55 -6.08 59.30
N LYS D 157 -13.75 -6.48 60.57
CA LYS D 157 -13.31 -7.80 61.00
C LYS D 157 -14.09 -8.90 60.30
N GLU D 158 -15.40 -8.72 60.17
CA GLU D 158 -16.22 -9.74 59.52
C GLU D 158 -15.80 -9.95 58.06
N ARG D 159 -15.44 -8.86 57.36
CA ARG D 159 -15.12 -8.97 55.95
C ARG D 159 -13.68 -9.45 55.70
N LEU D 160 -12.77 -9.20 56.64
CA LEU D 160 -11.40 -9.70 56.52
C LEU D 160 -11.22 -11.13 57.03
N GLY D 161 -12.11 -11.62 57.87
CA GLY D 161 -11.90 -12.91 58.51
C GLY D 161 -10.74 -12.86 59.49
O1 7L2 E . 28.34 -11.55 -10.59
C1 7L2 E . 28.34 -12.62 -9.96
N1 7L2 E . 29.49 -13.30 -9.82
C2 7L2 E . 29.52 -14.47 -9.17
N2 7L2 E . 30.70 -15.11 -9.04
N3 7L2 E . 28.39 -15.00 -8.62
C3 7L2 E . 27.19 -14.34 -8.75
C4 7L2 E . 27.15 -13.13 -9.42
N4 7L2 E . 25.87 -12.70 -9.40
C5 7L2 E . 25.14 -13.62 -8.73
N5 7L2 E . 25.95 -14.62 -8.31
C6 7L2 E . 25.55 -15.84 -7.57
O2 7L2 E . 24.92 -16.73 -8.52
C7 7L2 E . 24.53 -15.58 -6.46
O3 7L2 E . 25.17 -15.55 -5.18
C8 7L2 E . 23.57 -16.75 -6.57
O4 7L2 E . 23.98 -17.86 -5.76
C9 7L2 E . 23.66 -17.20 -8.01
C10 7L2 E . 22.48 -16.68 -8.84
O5 7L2 E . 22.26 -15.29 -8.58
P1 7L2 E . 20.84 -14.68 -8.12
O6 7L2 E . 19.85 -14.92 -9.25
O7 7L2 E . 20.53 -15.15 -6.71
O8 7L2 E . 21.22 -13.12 -8.06
P2 7L2 E . 20.23 -11.89 -7.72
O9 7L2 E . 20.63 -10.66 -8.47
S1 7L2 E . 18.24 -12.30 -8.03
O10 7L2 E . 20.35 -11.60 -6.16
P3 7L2 E . 19.83 -10.14 -5.71
O11 7L2 E . 19.63 -10.17 -4.21
O12 7L2 E . 18.74 -9.70 -6.64
O13 7L2 E . 21.16 -9.29 -6.02
C11 7L2 E . 22.23 -9.44 -5.10
C12 7L2 E . 23.34 -10.31 -5.68
O14 7L2 E . 24.04 -9.58 -6.69
C13 7L2 E . 24.35 -10.52 -4.58
O15 7L2 E . 25.17 -11.63 -4.89
C14 7L2 E . 26.53 -11.26 -4.60
C15 7L2 E . 27.45 -11.77 -5.71
C16 7L2 E . 26.89 -11.84 -3.24
O16 7L2 E . 26.61 -9.84 -4.55
C17 7L2 E . 25.29 -9.33 -4.68
C18 7L2 E . 25.12 -8.85 -6.10
N6 7L2 E . 24.86 -7.38 -6.12
C19 7L2 E . 23.76 -6.81 -6.62
N7 7L2 E . 23.85 -5.48 -6.53
C20 7L2 E . 22.79 -4.53 -6.96
C21 7L2 E . 25.03 -5.22 -5.95
C22 7L2 E . 25.69 -6.42 -5.69
N8 7L2 E . 26.92 -6.41 -5.12
C23 7L2 E . 27.49 -5.22 -4.79
N9 7L2 E . 28.73 -5.17 -4.21
N10 7L2 E . 26.85 -4.04 -5.03
C24 7L2 E . 25.62 -4.00 -5.61
O17 7L2 E . 25.03 -2.79 -5.83
C1 GOL F . 3.90 -4.88 -8.29
O1 GOL F . 4.87 -5.35 -7.38
C2 GOL F . 3.66 -5.86 -9.45
O2 GOL F . 3.53 -7.16 -8.93
C3 GOL F . 2.35 -5.53 -10.16
O3 GOL F . 2.38 -6.05 -11.48
O1 7L2 G . -28.01 -7.79 14.18
O1 7L2 G . -27.97 -7.81 14.13
C1 7L2 G . -27.96 -9.01 13.89
C1 7L2 G . -27.92 -9.03 13.87
N1 7L2 G . -29.07 -9.75 13.96
N1 7L2 G . -29.04 -9.76 13.94
C2 7L2 G . -29.05 -11.05 13.67
C2 7L2 G . -29.01 -11.08 13.67
N2 7L2 G . -30.19 -11.76 13.75
N2 7L2 G . -30.16 -11.79 13.75
N3 7L2 G . -27.90 -11.66 13.30
N3 7L2 G . -27.85 -11.70 13.34
C3 7L2 G . -26.75 -10.94 13.23
C3 7L2 G . -26.71 -10.98 13.28
C4 7L2 G . -26.75 -9.59 13.52
C4 7L2 G . -26.71 -9.62 13.54
N4 7L2 G . -25.48 -9.13 13.37
N4 7L2 G . -25.44 -9.17 13.40
C5 7L2 G . -24.72 -10.18 12.99
C5 7L2 G . -24.67 -10.23 13.05
N5 7L2 G . -25.50 -11.27 12.90
N5 7L2 G . -25.45 -11.33 12.97
C6 7L2 G . -25.10 -12.65 12.55
C6 7L2 G . -25.04 -12.72 12.65
O2 7L2 G . -24.51 -13.26 13.70
O2 7L2 G . -24.40 -13.30 13.79
C7 7L2 G . -24.06 -12.69 11.44
C7 7L2 G . -24.04 -12.77 11.51
O3 7L2 G . -24.67 -12.99 10.17
O3 7L2 G . -24.70 -12.98 10.26
C8 7L2 G . -23.12 -13.79 11.88
C8 7L2 G . -23.18 -13.95 11.89
O4 7L2 G . -23.58 -15.04 11.37
O4 7L2 G . -23.74 -15.15 11.37
C9 7L2 G . -23.23 -13.81 13.40
C9 7L2 G . -23.22 -13.99 13.42
C10 7L2 G . -22.12 -12.99 14.08
C10 7L2 G . -21.99 -13.34 14.04
O5 7L2 G . -21.76 -11.84 13.32
O5 7L2 G . -21.90 -11.98 13.63
P1 7L2 G . -20.23 -11.54 12.89
P1 7L2 G . -20.50 -11.28 13.20
O6 7L2 G . -19.57 -10.87 14.08
O6 7L2 G . -19.73 -11.02 14.49
O7 7L2 G . -19.63 -12.81 12.33
O7 7L2 G . -19.87 -12.05 12.06
O8 7L2 G . -20.39 -10.51 11.66
O8 7L2 G . -21.05 -9.88 12.61
P2 7L2 G . -19.95 -8.96 11.75
P2 7L2 G . -20.17 -8.87 11.71
O9 7L2 G . -20.31 -8.36 13.05
O9 7L2 G . -20.71 -7.50 11.81
S1 7L2 G . -17.97 -8.67 11.25
S1 7L2 G . -18.18 -8.86 12.28
O10 7L2 G . -20.75 -8.20 10.59
O10 7L2 G . -20.31 -9.40 10.19
P3 7L2 G . -20.34 -6.68 10.24
P3 7L2 G . -19.72 -8.46 9.03
O11 7L2 G . -19.01 -6.71 9.51
O11 7L2 G . -18.42 -7.89 9.55
O12 7L2 G . -20.51 -5.80 11.45
O12 7L2 G . -19.77 -9.19 7.71
O13 7L2 G . -21.52 -6.34 9.19
O13 7L2 G . -20.78 -7.25 9.00
C11 7L2 G . -22.08 -7.37 8.36
C11 7L2 G . -22.00 -7.33 8.29
C12 7L2 G . -23.29 -8.01 9.02
C12 7L2 G . -23.09 -7.99 9.09
O14 7L2 G . -23.97 -7.08 9.85
O14 7L2 G . -23.79 -7.03 9.90
C13 7L2 G . -24.30 -8.44 7.97
C13 7L2 G . -24.14 -8.48 8.12
O15 7L2 G . -25.05 -9.54 8.45
O15 7L2 G . -24.94 -9.48 8.74
C14 7L2 G . -26.45 -9.28 8.32
C14 7L2 G . -26.30 -9.25 8.36
C15 7L2 G . -27.15 -9.49 9.66
C15 7L2 G . -27.20 -9.42 9.59
C16 7L2 G . -27.03 -10.20 7.26
C16 7L2 G . -26.68 -10.23 7.26
O16 7L2 G . -26.59 -7.92 7.91
O16 7L2 G . -26.38 -7.92 7.87
C17 7L2 G . -25.29 -7.31 7.89
C17 7L2 G . -25.08 -7.32 7.92
C18 7L2 G . -25.08 -6.49 9.16
C18 7L2 G . -24.92 -6.49 9.19
N6 7L2 G . -24.82 -5.06 8.84
N6 7L2 G . -24.72 -5.05 8.86
C19 7L2 G . -23.71 -4.37 9.14
C19 7L2 G . -23.64 -4.32 9.15
N7 7L2 G . -23.83 -3.10 8.69
N7 7L2 G . -23.80 -3.06 8.72
C20 7L2 G . -22.80 -2.04 8.85
C20 7L2 G . -22.78 -1.98 8.88
C21 7L2 G . -25.05 -3.01 8.12
C21 7L2 G . -25.00 -3.01 8.13
C22 7L2 G . -25.66 -4.24 8.20
C22 7L2 G . -25.58 -4.25 8.22
N8 7L2 G . -26.91 -4.39 7.69
N8 7L2 G . -26.83 -4.42 7.69
C23 7L2 G . -27.52 -3.34 7.09
C23 7L2 G . -27.47 -3.39 7.09
N9 7L2 G . -28.77 -3.51 6.57
N9 7L2 G . -28.70 -3.58 6.56
N10 7L2 G . -26.91 -2.13 7.00
N10 7L2 G . -26.88 -2.16 7.00
C24 7L2 G . -25.68 -1.93 7.51
C24 7L2 G . -25.66 -1.93 7.51
O17 7L2 G . -25.11 -0.69 7.40
O17 7L2 G . -25.12 -0.69 7.42
C1 GOL H . -4.74 -1.58 9.82
O1 GOL H . -4.99 -2.25 8.59
C2 GOL H . -3.43 -2.05 10.43
O2 GOL H . -3.42 -3.46 10.55
C3 GOL H . -3.21 -1.43 11.80
O3 GOL H . -4.15 -1.98 12.70
#